data_7MT5
#
_entry.id   7MT5
#
_cell.length_a   184.189
_cell.length_b   59.7299
_cell.length_c   67.5398
_cell.angle_alpha   90.0
_cell.angle_beta   94.63
_cell.angle_gamma   90.0
#
_symmetry.space_group_name_H-M   'C 1 2 1'
#
loop_
_entity.id
_entity.type
_entity.pdbx_description
1 polymer 'Tryptophan synthase alpha chain'
2 polymer 'Tryptophan synthase beta chain'
3 non-polymer '2-({[4-(TRIFLUOROMETHOXY)PHENYL]SULFONYL}AMINO)ETHYL DIHYDROGEN PHOSPHATE'
4 non-polymer '2-{[(E)-{3-hydroxy-2-methyl-5-[(phosphonooxy)methyl]pyridin-4-yl}methylidene]amino}prop-2-enoic acid'
5 non-polymer 'CESIUM ION'
6 water water
#
loop_
_entity_poly.entity_id
_entity_poly.type
_entity_poly.pdbx_seq_one_letter_code
_entity_poly.pdbx_strand_id
1 'polypeptide(L)'
;MERYENLFAQLNDRREGAFVPFVTLGDPGIEQSLKIIDTLIDAGADALELGVPFSDPLADGPTIQNANLRAFAAGVTPAQ
CFEMLALIREKHPTIPIGLLMYANLVFNNGIDAFYARCEQVGVDSVLVADVPVEESAPFRQAALRHNIAPIFICPPNADD
DLLRQVASYGRGYTYLLSRSGVTGAENRGALPLHHLIEKLKEYHAAPALQGFGISSPEQVSAAVRAGAAGAISGSAIVKI
IEKNLASPKQMLAELRSFVSAMKAASRA
;
A
2 'polypeptide(L)'
;MTTLLNPYFGEFGGMYVPQILMPALNQLEEAFVSAQKDPEFQAQFADLLKNYAGRPTALTKCQNITAGTRTTLYLKREDL
LHGGAHKTNQVLGQALLAKRMGKSEIIAETGAGQHGVASALASALLGLKCRIYMGAKDVERQSPNVFRMRLMGAEVIPVH
SGSATLKDACNEALRDWSGSYETAHYMLGTAAGPHPYPTIVREFQRMIGEETKAQILDKEGRLPDAVIACVGGGSNAIGM
FADFINDTSVGLIGVEPGGHGIETGEHGAPLKHGRVGIYFGMKAPMMQTADGQIEESYSISAGLDFPSVGPQHAYLNSIG
RADYVSITDDEALEAFKTLCRHEGIIPALESSHALAHALKMMREQPEKEQLLVVNLSGRGDKDIFTVHDILKARGEI
;
B
#
loop_
_chem_comp.id
_chem_comp.type
_chem_comp.name
_chem_comp.formula
0JO non-polymer '2-{[(E)-{3-hydroxy-2-methyl-5-[(phosphonooxy)methyl]pyridin-4-yl}methylidene]amino}prop-2-enoic acid' 'C11 H13 N2 O7 P'
CS non-polymer 'CESIUM ION' 'Cs 1'
F9F non-polymer '2-({[4-(TRIFLUOROMETHOXY)PHENYL]SULFONYL}AMINO)ETHYL DIHYDROGEN PHOSPHATE' 'C9 H11 F3 N O7 P S'
#
# COMPACT_ATOMS: atom_id res chain seq x y z
N GLU A 2 -21.94 -12.48 -24.81
CA GLU A 2 -21.42 -11.67 -25.91
C GLU A 2 -21.94 -10.24 -25.82
N ARG A 3 -22.25 -9.78 -24.61
CA ARG A 3 -22.99 -8.53 -24.49
C ARG A 3 -22.22 -7.29 -24.94
N TYR A 4 -20.91 -7.23 -24.70
CA TYR A 4 -20.14 -6.09 -25.20
C TYR A 4 -20.02 -6.14 -26.72
N GLU A 5 -19.78 -7.33 -27.25
CA GLU A 5 -19.63 -7.51 -28.69
C GLU A 5 -20.90 -7.05 -29.40
N ASN A 6 -22.04 -7.48 -28.89
CA ASN A 6 -23.33 -7.09 -29.46
C ASN A 6 -23.57 -5.59 -29.32
N LEU A 7 -23.19 -5.01 -28.18
CA LEU A 7 -23.38 -3.58 -27.97
C LEU A 7 -22.57 -2.76 -28.97
N PHE A 8 -21.30 -3.09 -29.10
CA PHE A 8 -20.44 -2.27 -29.95
C PHE A 8 -20.81 -2.42 -31.41
N ALA A 9 -21.28 -3.61 -31.81
CA ALA A 9 -21.75 -3.81 -33.18
C ALA A 9 -22.97 -2.93 -33.47
N GLN A 10 -23.91 -2.90 -32.52
CA GLN A 10 -25.10 -2.04 -32.64
C GLN A 10 -24.72 -0.56 -32.72
N LEU A 11 -23.82 -0.13 -31.84
CA LEU A 11 -23.37 1.25 -31.83
C LEU A 11 -22.64 1.63 -33.11
N ASN A 12 -21.86 0.70 -33.65
CA ASN A 12 -21.12 0.95 -34.89
C ASN A 12 -22.08 1.13 -36.06
N ASP A 13 -23.10 0.29 -36.11
CA ASP A 13 -24.09 0.37 -37.19
C ASP A 13 -24.89 1.67 -37.12
N ARG A 14 -24.94 2.27 -35.93
CA ARG A 14 -25.62 3.55 -35.76
C ARG A 14 -24.64 4.71 -35.78
N ARG A 15 -23.36 4.41 -36.02
CA ARG A 15 -22.29 5.41 -36.00
C ARG A 15 -22.33 6.19 -34.69
N GLU A 16 -22.19 5.46 -33.59
CA GLU A 16 -22.45 6.00 -32.26
C GLU A 16 -21.36 5.56 -31.28
N GLY A 17 -21.05 6.41 -30.31
CA GLY A 17 -20.17 6.03 -29.22
C GLY A 17 -20.98 5.58 -28.02
N ALA A 18 -20.31 4.90 -27.09
CA ALA A 18 -20.95 4.46 -25.85
C ALA A 18 -20.81 5.50 -24.75
N PHE A 19 -21.84 5.66 -23.93
CA PHE A 19 -21.65 6.36 -22.68
C PHE A 19 -21.92 5.40 -21.53
N VAL A 20 -20.94 5.31 -20.64
CA VAL A 20 -20.95 4.31 -19.57
C VAL A 20 -20.73 4.99 -18.22
N PRO A 21 -21.80 5.11 -17.42
CA PRO A 21 -21.64 5.66 -16.08
C PRO A 21 -21.04 4.66 -15.10
N PHE A 22 -20.35 5.18 -14.08
CA PHE A 22 -19.94 4.39 -12.92
C PHE A 22 -20.69 4.86 -11.70
N VAL A 23 -21.16 3.91 -10.89
CA VAL A 23 -21.58 4.18 -9.52
C VAL A 23 -21.09 3.05 -8.62
N THR A 24 -21.09 3.33 -7.32
CA THR A 24 -20.80 2.34 -6.31
C THR A 24 -22.07 1.61 -5.95
N LEU A 25 -22.05 0.29 -6.01
CA LEU A 25 -23.19 -0.51 -5.58
C LEU A 25 -23.55 -0.27 -4.11
N GLY A 26 -24.81 0.07 -3.86
CA GLY A 26 -25.30 0.27 -2.51
C GLY A 26 -25.14 1.68 -1.96
N ASP A 27 -24.72 2.62 -2.81
CA ASP A 27 -24.60 4.02 -2.41
C ASP A 27 -25.81 4.78 -2.90
N PRO A 28 -26.58 5.42 -1.98
CA PRO A 28 -26.40 5.54 -0.52
C PRO A 28 -27.09 4.45 0.30
N GLY A 29 -27.79 3.56 -0.37
CA GLY A 29 -28.42 2.41 0.27
C GLY A 29 -28.78 1.46 -0.85
N ILE A 30 -29.12 0.23 -0.52
CA ILE A 30 -29.42 -0.78 -1.54
C ILE A 30 -30.59 -0.38 -2.42
N GLU A 31 -31.72 -0.04 -1.80
CA GLU A 31 -32.91 0.32 -2.57
C GLU A 31 -32.71 1.56 -3.43
N GLN A 32 -32.08 2.59 -2.89
CA GLN A 32 -31.89 3.82 -3.65
C GLN A 32 -30.86 3.59 -4.75
N SER A 33 -29.90 2.71 -4.48
CA SER A 33 -28.88 2.38 -5.48
C SER A 33 -29.51 1.69 -6.69
N LEU A 34 -30.43 0.77 -6.43
CA LEU A 34 -31.14 0.09 -7.51
C LEU A 34 -31.95 1.08 -8.33
N LYS A 35 -32.55 2.07 -7.68
CA LYS A 35 -33.35 3.06 -8.40
C LYS A 35 -32.46 3.98 -9.23
N ILE A 36 -31.31 4.32 -8.67
CA ILE A 36 -30.31 5.11 -9.36
C ILE A 36 -29.89 4.42 -10.66
N ILE A 37 -29.60 3.13 -10.55
CA ILE A 37 -29.11 2.36 -11.69
C ILE A 37 -30.19 2.21 -12.76
N ASP A 38 -31.43 1.97 -12.35
CA ASP A 38 -32.54 1.95 -13.30
C ASP A 38 -32.70 3.29 -14.01
N THR A 39 -32.45 4.38 -13.28
CA THR A 39 -32.53 5.71 -13.87
C THR A 39 -31.40 5.95 -14.88
N LEU A 40 -30.20 5.50 -14.56
CA LEU A 40 -29.08 5.63 -15.50
C LEU A 40 -29.41 4.94 -16.82
N ILE A 41 -29.97 3.74 -16.74
CA ILE A 41 -30.29 2.95 -17.92
C ILE A 41 -31.41 3.61 -18.71
N ASP A 42 -32.45 4.03 -18.01
CA ASP A 42 -33.58 4.69 -18.68
C ASP A 42 -33.15 6.00 -19.35
N ALA A 43 -32.16 6.67 -18.77
CA ALA A 43 -31.70 7.95 -19.33
C ALA A 43 -30.75 7.78 -20.52
N GLY A 44 -30.35 6.53 -20.80
CA GLY A 44 -29.55 6.26 -21.97
C GLY A 44 -28.19 5.61 -21.80
N ALA A 45 -27.85 5.18 -20.59
CA ALA A 45 -26.59 4.45 -20.41
C ALA A 45 -26.50 3.25 -21.36
N ASP A 46 -25.37 3.10 -22.04
CA ASP A 46 -25.16 1.96 -22.94
C ASP A 46 -24.63 0.74 -22.23
N ALA A 47 -23.94 0.98 -21.13
CA ALA A 47 -23.39 -0.07 -20.31
C ALA A 47 -23.17 0.51 -18.92
N LEU A 48 -22.83 -0.33 -17.97
CA LEU A 48 -22.61 0.11 -16.60
C LEU A 48 -21.25 -0.35 -16.09
N GLU A 49 -20.62 0.51 -15.29
CA GLU A 49 -19.47 0.10 -14.50
C GLU A 49 -19.88 0.26 -13.03
N LEU A 50 -19.80 -0.81 -12.26
CA LEU A 50 -20.34 -0.81 -10.91
C LEU A 50 -19.26 -1.20 -9.91
N GLY A 51 -19.07 -0.36 -8.90
CA GLY A 51 -18.08 -0.62 -7.86
C GLY A 51 -18.61 -1.46 -6.72
N VAL A 52 -17.82 -2.44 -6.30
CA VAL A 52 -18.10 -3.15 -5.06
C VAL A 52 -17.34 -2.46 -3.92
N PRO A 53 -18.05 -2.00 -2.88
CA PRO A 53 -17.39 -1.22 -1.83
C PRO A 53 -16.21 -1.96 -1.23
N PHE A 54 -15.08 -1.26 -1.15
CA PHE A 54 -13.84 -1.82 -0.61
C PHE A 54 -13.25 -0.84 0.40
N SER A 55 -12.65 -1.38 1.47
CA SER A 55 -12.16 -0.55 2.56
C SER A 55 -11.06 0.45 2.18
N ASP A 56 -10.22 0.09 1.22
CA ASP A 56 -9.09 0.95 0.87
C ASP A 56 -8.89 1.05 -0.65
N PRO A 57 -9.76 1.84 -1.31
CA PRO A 57 -9.73 1.96 -2.78
C PRO A 57 -8.63 2.88 -3.31
N LEU A 58 -7.48 2.31 -3.66
CA LEU A 58 -6.27 3.09 -3.91
CA LEU A 58 -6.27 3.09 -3.92
C LEU A 58 -6.23 3.82 -5.26
N ALA A 59 -7.17 3.51 -6.16
CA ALA A 59 -7.18 4.21 -7.44
C ALA A 59 -8.28 5.27 -7.45
N ASP A 60 -8.90 5.49 -6.30
CA ASP A 60 -10.02 6.44 -6.24
C ASP A 60 -9.74 7.69 -5.43
N GLY A 61 -10.19 8.83 -5.95
CA GLY A 61 -10.12 10.09 -5.23
C GLY A 61 -11.27 10.23 -4.24
N PRO A 62 -11.34 11.38 -3.55
CA PRO A 62 -12.29 11.57 -2.45
C PRO A 62 -13.76 11.36 -2.83
N THR A 63 -14.20 11.75 -4.02
CA THR A 63 -15.61 11.56 -4.35
C THR A 63 -16.05 10.10 -4.26
N ILE A 64 -15.30 9.22 -4.90
CA ILE A 64 -15.67 7.80 -4.89
C ILE A 64 -15.25 7.12 -3.58
N GLN A 65 -14.20 7.62 -2.92
CA GLN A 65 -13.91 7.19 -1.56
C GLN A 65 -15.14 7.35 -0.69
N ASN A 66 -15.80 8.49 -0.83
CA ASN A 66 -16.94 8.78 0.03
C ASN A 66 -18.17 7.97 -0.36
N ALA A 67 -18.26 7.59 -1.63
CA ALA A 67 -19.31 6.67 -2.08
C ALA A 67 -19.16 5.31 -1.40
N ASN A 68 -17.95 4.78 -1.39
CA ASN A 68 -17.65 3.54 -0.68
C ASN A 68 -18.05 3.63 0.78
N LEU A 69 -17.69 4.75 1.43
CA LEU A 69 -18.03 4.93 2.84
C LEU A 69 -19.54 4.98 3.07
N ARG A 70 -20.28 5.66 2.19
CA ARG A 70 -21.73 5.68 2.34
C ARG A 70 -22.32 4.29 2.25
N ALA A 71 -21.80 3.47 1.33
CA ALA A 71 -22.31 2.12 1.17
C ALA A 71 -22.01 1.30 2.41
N PHE A 72 -20.81 1.47 2.98
CA PHE A 72 -20.46 0.76 4.20
C PHE A 72 -21.33 1.20 5.38
N ALA A 73 -21.67 2.48 5.42
CA ALA A 73 -22.54 2.99 6.48
C ALA A 73 -23.94 2.36 6.38
N ALA A 74 -24.31 1.97 5.17
CA ALA A 74 -25.58 1.28 4.91
C ALA A 74 -25.44 -0.24 5.06
N GLY A 75 -24.25 -0.68 5.46
CA GLY A 75 -24.01 -2.09 5.73
C GLY A 75 -23.82 -2.98 4.52
N VAL A 76 -23.43 -2.38 3.40
CA VAL A 76 -23.27 -3.14 2.15
C VAL A 76 -22.04 -4.04 2.16
N THR A 77 -22.24 -5.30 1.77
CA THR A 77 -21.20 -6.31 1.66
C THR A 77 -21.11 -6.80 0.23
N PRO A 78 -20.01 -7.50 -0.13
CA PRO A 78 -19.99 -8.05 -1.49
C PRO A 78 -21.14 -9.03 -1.75
N ALA A 79 -21.59 -9.76 -0.74
CA ALA A 79 -22.68 -10.70 -0.92
C ALA A 79 -23.95 -9.95 -1.33
N GLN A 80 -24.17 -8.79 -0.71
CA GLN A 80 -25.34 -8.00 -1.02
C GLN A 80 -25.19 -7.39 -2.41
N CYS A 81 -23.95 -7.12 -2.82
CA CYS A 81 -23.72 -6.59 -4.15
C CYS A 81 -24.09 -7.63 -5.21
N PHE A 82 -23.78 -8.89 -4.97
CA PHE A 82 -24.13 -9.93 -5.93
C PHE A 82 -25.65 -10.14 -5.97
N GLU A 83 -26.33 -9.95 -4.84
CA GLU A 83 -27.79 -9.99 -4.83
C GLU A 83 -28.35 -8.87 -5.70
N MET A 84 -27.78 -7.68 -5.58
CA MET A 84 -28.18 -6.54 -6.39
C MET A 84 -27.95 -6.81 -7.87
N LEU A 85 -26.80 -7.40 -8.18
CA LEU A 85 -26.44 -7.66 -9.56
C LEU A 85 -27.43 -8.61 -10.22
N ALA A 86 -27.87 -9.62 -9.46
CA ALA A 86 -28.84 -10.58 -9.98
C ALA A 86 -30.14 -9.87 -10.33
N LEU A 87 -30.54 -8.93 -9.49
CA LEU A 87 -31.77 -8.18 -9.71
C LEU A 87 -31.67 -7.26 -10.90
N ILE A 88 -30.53 -6.59 -11.04
CA ILE A 88 -30.30 -5.70 -12.19
C ILE A 88 -30.35 -6.48 -13.50
N ARG A 89 -29.67 -7.61 -13.54
CA ARG A 89 -29.63 -8.44 -14.75
C ARG A 89 -31.00 -9.02 -15.09
N GLU A 90 -31.79 -9.34 -14.06
CA GLU A 90 -33.12 -9.90 -14.26
C GLU A 90 -34.03 -8.90 -14.97
N LYS A 91 -33.77 -7.61 -14.76
CA LYS A 91 -34.56 -6.53 -15.35
C LYS A 91 -34.06 -6.10 -16.72
N HIS A 92 -32.75 -6.23 -16.92
CA HIS A 92 -32.07 -5.68 -18.06
C HIS A 92 -31.18 -6.76 -18.68
N PRO A 93 -31.72 -7.53 -19.64
CA PRO A 93 -31.03 -8.72 -20.11
C PRO A 93 -29.81 -8.47 -21.01
N THR A 94 -29.72 -7.34 -21.69
CA THR A 94 -28.68 -7.18 -22.69
C THR A 94 -27.60 -6.15 -22.34
N ILE A 95 -27.87 -5.28 -21.36
CA ILE A 95 -26.92 -4.21 -21.10
C ILE A 95 -25.65 -4.81 -20.48
N PRO A 96 -24.49 -4.46 -21.04
CA PRO A 96 -23.24 -4.97 -20.46
C PRO A 96 -23.02 -4.40 -19.07
N ILE A 97 -22.69 -5.30 -18.14
CA ILE A 97 -22.40 -4.92 -16.77
C ILE A 97 -20.96 -5.28 -16.43
N GLY A 98 -20.19 -4.26 -16.05
CA GLY A 98 -18.81 -4.48 -15.67
C GLY A 98 -18.64 -4.12 -14.21
N LEU A 99 -17.78 -4.86 -13.53
CA LEU A 99 -17.47 -4.58 -12.12
C LEU A 99 -16.10 -3.95 -11.97
N LEU A 100 -16.02 -2.94 -11.10
CA LEU A 100 -14.74 -2.39 -10.67
C LEU A 100 -14.39 -3.04 -9.34
N MET A 101 -13.35 -3.86 -9.36
CA MET A 101 -12.92 -4.62 -8.18
C MET A 101 -11.53 -4.22 -7.76
N TYR A 102 -11.25 -4.38 -6.47
CA TYR A 102 -9.89 -4.33 -6.00
C TYR A 102 -9.47 -5.77 -5.74
N ALA A 103 -8.18 -6.03 -5.92
CA ALA A 103 -7.66 -7.40 -5.95
C ALA A 103 -8.06 -8.25 -4.77
N ASN A 104 -8.00 -7.70 -3.56
CA ASN A 104 -8.24 -8.56 -2.41
C ASN A 104 -9.65 -9.11 -2.38
N LEU A 105 -10.62 -8.37 -2.92
CA LEU A 105 -11.99 -8.87 -2.89
C LEU A 105 -12.17 -10.04 -3.86
N VAL A 106 -11.34 -10.09 -4.89
CA VAL A 106 -11.38 -11.18 -5.87
C VAL A 106 -10.57 -12.36 -5.37
N PHE A 107 -9.42 -12.06 -4.77
CA PHE A 107 -8.49 -13.07 -4.30
C PHE A 107 -8.96 -13.77 -3.02
N ASN A 108 -9.70 -13.03 -2.20
CA ASN A 108 -10.05 -13.38 -0.81
C ASN A 108 -10.30 -14.84 -0.52
N ASN A 109 -11.39 -15.36 -1.04
CA ASN A 109 -11.70 -16.77 -0.81
C ASN A 109 -11.74 -17.51 -2.11
N GLY A 110 -10.77 -17.21 -2.99
CA GLY A 110 -10.59 -17.97 -4.20
C GLY A 110 -10.94 -17.19 -5.45
N ILE A 111 -9.95 -17.00 -6.32
CA ILE A 111 -10.16 -16.27 -7.57
C ILE A 111 -11.20 -16.94 -8.46
N ASP A 112 -11.06 -18.25 -8.63
CA ASP A 112 -11.99 -18.98 -9.50
C ASP A 112 -13.43 -18.83 -9.00
N ALA A 113 -13.61 -18.97 -7.69
CA ALA A 113 -14.93 -18.87 -7.10
C ALA A 113 -15.54 -17.48 -7.31
N PHE A 114 -14.70 -16.44 -7.28
CA PHE A 114 -15.22 -15.10 -7.51
C PHE A 114 -15.81 -14.95 -8.92
N TYR A 115 -15.04 -15.38 -9.92
CA TYR A 115 -15.49 -15.23 -11.29
C TYR A 115 -16.66 -16.17 -11.55
N ALA A 116 -16.73 -17.29 -10.84
CA ALA A 116 -17.88 -18.17 -10.97
C ALA A 116 -19.14 -17.46 -10.49
N ARG A 117 -19.04 -16.72 -9.40
CA ARG A 117 -20.17 -15.97 -8.89
C ARG A 117 -20.58 -14.88 -9.87
N CYS A 118 -19.60 -14.24 -10.49
CA CYS A 118 -19.88 -13.26 -11.53
C CYS A 118 -20.69 -13.85 -12.67
N GLU A 119 -20.30 -15.03 -13.12
CA GLU A 119 -21.01 -15.67 -14.23
C GLU A 119 -22.46 -15.99 -13.85
N GLN A 120 -22.67 -16.48 -12.63
CA GLN A 120 -24.00 -16.88 -12.21
C GLN A 120 -24.99 -15.70 -12.14
N VAL A 121 -24.51 -14.51 -11.80
CA VAL A 121 -25.42 -13.37 -11.70
C VAL A 121 -25.52 -12.60 -13.01
N GLY A 122 -24.67 -12.92 -13.98
CA GLY A 122 -24.77 -12.34 -15.31
C GLY A 122 -23.89 -11.12 -15.58
N VAL A 123 -22.79 -11.01 -14.84
CA VAL A 123 -21.80 -9.97 -15.07
C VAL A 123 -21.04 -10.23 -16.37
N ASP A 124 -20.66 -9.18 -17.08
CA ASP A 124 -19.97 -9.36 -18.35
C ASP A 124 -18.47 -9.09 -18.31
N SER A 125 -18.02 -8.22 -17.41
CA SER A 125 -16.61 -7.91 -17.34
C SER A 125 -16.20 -7.59 -15.92
N VAL A 126 -14.92 -7.79 -15.65
CA VAL A 126 -14.33 -7.41 -14.38
C VAL A 126 -13.02 -6.67 -14.63
N LEU A 127 -12.90 -5.49 -14.03
CA LEU A 127 -11.66 -4.73 -14.06
C LEU A 127 -11.10 -4.76 -12.65
N VAL A 128 -9.93 -5.36 -12.50
CA VAL A 128 -9.27 -5.37 -11.19
C VAL A 128 -8.21 -4.27 -11.18
N ALA A 129 -8.46 -3.22 -10.41
CA ALA A 129 -7.74 -1.96 -10.57
C ALA A 129 -6.27 -2.01 -10.17
N ASP A 130 -5.94 -2.85 -9.18
CA ASP A 130 -4.55 -2.94 -8.70
C ASP A 130 -3.86 -4.24 -9.13
N VAL A 131 -4.33 -4.84 -10.22
CA VAL A 131 -3.62 -5.95 -10.85
C VAL A 131 -3.18 -5.54 -12.25
N PRO A 132 -1.88 -5.24 -12.42
CA PRO A 132 -1.38 -4.90 -13.76
C PRO A 132 -1.27 -6.15 -14.65
N VAL A 133 -1.05 -5.98 -15.95
CA VAL A 133 -0.99 -7.14 -16.82
C VAL A 133 0.08 -8.13 -16.36
N GLU A 134 1.14 -7.58 -15.76
CA GLU A 134 2.27 -8.38 -15.29
C GLU A 134 1.87 -9.41 -14.21
N GLU A 135 0.82 -9.11 -13.45
CA GLU A 135 0.34 -10.00 -12.39
C GLU A 135 -0.99 -10.67 -12.72
N SER A 136 -1.45 -10.50 -13.96
CA SER A 136 -2.83 -10.81 -14.29
C SER A 136 -3.18 -12.27 -14.59
N ALA A 137 -2.19 -13.15 -14.77
CA ALA A 137 -2.47 -14.48 -15.32
C ALA A 137 -3.61 -15.25 -14.62
N PRO A 138 -3.55 -15.43 -13.29
CA PRO A 138 -4.66 -16.24 -12.73
C PRO A 138 -6.02 -15.53 -12.81
N PHE A 139 -6.01 -14.21 -12.85
CA PHE A 139 -7.26 -13.46 -12.92
C PHE A 139 -7.89 -13.58 -14.31
N ARG A 140 -7.10 -13.35 -15.36
CA ARG A 140 -7.70 -13.38 -16.68
C ARG A 140 -8.02 -14.81 -17.08
N GLN A 141 -7.27 -15.79 -16.57
CA GLN A 141 -7.57 -17.19 -16.87
C GLN A 141 -8.91 -17.57 -16.25
N ALA A 142 -9.10 -17.22 -14.98
CA ALA A 142 -10.36 -17.50 -14.30
C ALA A 142 -11.51 -16.77 -14.98
N ALA A 143 -11.27 -15.51 -15.34
CA ALA A 143 -12.28 -14.73 -16.05
C ALA A 143 -12.76 -15.45 -17.31
N LEU A 144 -11.82 -15.84 -18.17
CA LEU A 144 -12.18 -16.45 -19.44
C LEU A 144 -12.87 -17.81 -19.24
N ARG A 145 -12.45 -18.53 -18.19
CA ARG A 145 -13.06 -19.84 -17.90
C ARG A 145 -14.53 -19.72 -17.56
N HIS A 146 -14.92 -18.56 -17.07
CA HIS A 146 -16.29 -18.33 -16.63
C HIS A 146 -17.00 -17.34 -17.52
N ASN A 147 -16.49 -17.16 -18.73
CA ASN A 147 -17.10 -16.30 -19.74
C ASN A 147 -17.22 -14.85 -19.30
N ILE A 148 -16.24 -14.39 -18.53
CA ILE A 148 -16.14 -13.01 -18.12
C ILE A 148 -15.00 -12.34 -18.88
N ALA A 149 -15.23 -11.13 -19.35
CA ALA A 149 -14.16 -10.35 -19.98
C ALA A 149 -13.27 -9.72 -18.93
N PRO A 150 -11.97 -10.05 -18.96
CA PRO A 150 -11.03 -9.32 -18.09
C PRO A 150 -10.63 -8.00 -18.74
N ILE A 151 -10.81 -6.89 -18.02
CA ILE A 151 -10.53 -5.56 -18.55
C ILE A 151 -9.15 -5.06 -18.16
N PHE A 152 -8.39 -4.57 -19.13
CA PHE A 152 -7.06 -4.05 -18.86
C PHE A 152 -6.91 -2.60 -19.27
N ILE A 153 -5.94 -1.95 -18.64
CA ILE A 153 -5.74 -0.53 -18.75
C ILE A 153 -4.63 -0.18 -19.72
N CYS A 154 -4.92 0.76 -20.61
CA CYS A 154 -3.92 1.37 -21.45
C CYS A 154 -3.65 2.80 -20.95
N PRO A 155 -2.55 3.00 -20.21
CA PRO A 155 -2.19 4.34 -19.70
C PRO A 155 -1.65 5.24 -20.82
N PRO A 156 -1.67 6.57 -20.61
CA PRO A 156 -1.24 7.51 -21.66
C PRO A 156 0.18 7.26 -22.19
N ASN A 157 1.08 6.84 -21.32
CA ASN A 157 2.43 6.50 -21.76
C ASN A 157 2.65 4.98 -21.81
N ALA A 158 1.77 4.30 -22.53
CA ALA A 158 1.92 2.87 -22.78
C ALA A 158 2.93 2.64 -23.90
N ASP A 159 3.89 1.75 -23.67
CA ASP A 159 4.83 1.38 -24.72
C ASP A 159 4.22 0.29 -25.58
N ASP A 160 4.92 -0.09 -26.65
CA ASP A 160 4.36 -1.02 -27.63
C ASP A 160 4.11 -2.40 -27.05
N ASP A 161 5.02 -2.87 -26.20
CA ASP A 161 4.85 -4.18 -25.57
C ASP A 161 3.57 -4.22 -24.74
N LEU A 162 3.30 -3.15 -24.00
CA LEU A 162 2.08 -3.07 -23.21
C LEU A 162 0.83 -3.04 -24.10
N LEU A 163 0.89 -2.29 -25.19
CA LEU A 163 -0.20 -2.25 -26.15
C LEU A 163 -0.53 -3.64 -26.70
N ARG A 164 0.50 -4.39 -27.08
CA ARG A 164 0.30 -5.75 -27.57
C ARG A 164 -0.26 -6.69 -26.50
N GLN A 165 0.19 -6.52 -25.26
CA GLN A 165 -0.28 -7.39 -24.19
C GLN A 165 -1.74 -7.10 -23.86
N VAL A 166 -2.10 -5.83 -23.77
CA VAL A 166 -3.46 -5.43 -23.46
C VAL A 166 -4.40 -5.87 -24.58
N ALA A 167 -3.94 -5.77 -25.82
CA ALA A 167 -4.76 -6.21 -26.94
C ALA A 167 -5.04 -7.71 -26.87
N SER A 168 -4.02 -8.49 -26.52
CA SER A 168 -4.13 -9.93 -26.51
C SER A 168 -4.90 -10.48 -25.30
N TYR A 169 -4.65 -9.91 -24.12
CA TYR A 169 -5.16 -10.44 -22.86
C TYR A 169 -6.60 -10.00 -22.57
N GLY A 170 -6.96 -8.81 -23.02
CA GLY A 170 -8.23 -8.23 -22.66
C GLY A 170 -9.36 -8.71 -23.54
N ARG A 171 -10.58 -8.53 -23.06
CA ARG A 171 -11.79 -8.80 -23.86
C ARG A 171 -12.81 -7.74 -23.50
N GLY A 172 -13.90 -7.67 -24.27
CA GLY A 172 -14.99 -6.78 -23.92
C GLY A 172 -14.73 -5.35 -24.34
N TYR A 173 -13.93 -4.62 -23.57
CA TYR A 173 -13.44 -3.31 -23.99
C TYR A 173 -12.03 -3.07 -23.43
N THR A 174 -11.31 -2.14 -24.03
CA THR A 174 -10.03 -1.68 -23.48
C THR A 174 -10.21 -0.38 -22.71
N TYR A 175 -9.71 -0.31 -21.48
CA TYR A 175 -9.83 0.93 -20.73
C TYR A 175 -8.72 1.90 -21.12
N LEU A 176 -9.10 2.99 -21.79
CA LEU A 176 -8.16 4.03 -22.17
C LEU A 176 -8.11 5.11 -21.09
N LEU A 177 -7.01 5.12 -20.33
CA LEU A 177 -6.84 6.06 -19.25
C LEU A 177 -6.58 7.47 -19.77
N SER A 178 -7.33 8.46 -19.30
CA SER A 178 -7.22 9.85 -19.78
CA SER A 178 -7.18 9.82 -19.84
C SER A 178 -5.96 10.54 -19.28
N ARG A 179 -5.52 10.12 -18.10
CA ARG A 179 -4.44 10.81 -17.39
C ARG A 179 -3.93 9.93 -16.28
N SER A 180 -2.81 10.33 -15.70
CA SER A 180 -2.33 9.72 -14.46
C SER A 180 -3.20 10.20 -13.30
N GLY A 181 -2.90 9.72 -12.11
CA GLY A 181 -3.65 10.09 -10.94
C GLY A 181 -4.75 9.11 -10.60
N VAL A 182 -5.67 9.54 -9.75
CA VAL A 182 -6.79 8.72 -9.31
C VAL A 182 -8.10 9.30 -9.82
N THR A 183 -9.21 8.61 -9.61
CA THR A 183 -10.50 9.09 -10.13
C THR A 183 -10.85 10.45 -9.55
N GLY A 184 -11.50 11.27 -10.36
CA GLY A 184 -11.83 12.62 -9.92
C GLY A 184 -12.38 13.49 -11.03
N ALA A 185 -13.52 14.11 -10.77
CA ALA A 185 -14.11 15.05 -11.71
C ALA A 185 -13.22 16.29 -11.88
N GLU A 186 -12.80 16.86 -10.76
CA GLU A 186 -12.06 18.13 -10.74
C GLU A 186 -10.77 18.10 -11.57
N ASN A 187 -10.29 16.91 -11.89
CA ASN A 187 -9.03 16.73 -12.61
C ASN A 187 -9.26 16.18 -14.02
N ARG A 188 -9.27 17.07 -15.01
CA ARG A 188 -9.59 16.64 -16.40
C ARG A 188 -8.35 16.15 -17.16
N GLY A 189 -8.55 15.11 -17.96
CA GLY A 189 -7.51 14.58 -18.84
C GLY A 189 -7.63 15.12 -20.25
N LEU A 193 -6.03 9.82 -26.71
CA LEU A 193 -4.83 10.06 -27.50
C LEU A 193 -4.86 9.16 -28.74
N HIS A 194 -4.82 9.79 -29.92
CA HIS A 194 -5.05 9.10 -31.19
C HIS A 194 -4.07 7.97 -31.50
N HIS A 195 -2.80 8.16 -31.13
CA HIS A 195 -1.77 7.15 -31.37
C HIS A 195 -2.11 5.83 -30.65
N LEU A 196 -2.54 5.94 -29.40
CA LEU A 196 -2.90 4.75 -28.64
C LEU A 196 -4.14 4.08 -29.24
N ILE A 197 -5.15 4.89 -29.55
CA ILE A 197 -6.37 4.39 -30.15
C ILE A 197 -6.10 3.67 -31.47
N GLU A 198 -5.28 4.26 -32.33
CA GLU A 198 -4.97 3.64 -33.62
C GLU A 198 -4.17 2.36 -33.46
N LYS A 199 -3.22 2.35 -32.52
CA LYS A 199 -2.42 1.17 -32.26
C LYS A 199 -3.25 0.01 -31.71
N LEU A 200 -4.19 0.32 -30.82
CA LEU A 200 -5.05 -0.72 -30.26
C LEU A 200 -5.90 -1.34 -31.36
N LYS A 201 -6.34 -0.52 -32.31
CA LYS A 201 -7.12 -1.04 -33.43
C LYS A 201 -6.24 -1.92 -34.32
N GLU A 202 -5.01 -1.46 -34.57
CA GLU A 202 -4.06 -2.24 -35.36
C GLU A 202 -3.80 -3.62 -34.77
N TYR A 203 -3.77 -3.70 -33.43
CA TYR A 203 -3.53 -4.96 -32.74
C TYR A 203 -4.82 -5.71 -32.41
N HIS A 204 -5.94 -5.25 -32.96
CA HIS A 204 -7.24 -5.91 -32.81
C HIS A 204 -7.67 -6.02 -31.34
N ALA A 205 -7.37 -4.98 -30.57
CA ALA A 205 -7.83 -4.90 -29.19
C ALA A 205 -9.33 -4.71 -29.13
N ALA A 206 -9.93 -5.12 -28.02
CA ALA A 206 -11.31 -4.78 -27.71
C ALA A 206 -11.47 -3.25 -27.81
N PRO A 207 -12.67 -2.79 -28.20
CA PRO A 207 -12.90 -1.35 -28.43
C PRO A 207 -12.59 -0.49 -27.19
N ALA A 208 -12.03 0.70 -27.39
CA ALA A 208 -11.55 1.52 -26.28
C ALA A 208 -12.63 2.43 -25.69
N LEU A 209 -12.73 2.42 -24.37
CA LEU A 209 -13.54 3.39 -23.62
C LEU A 209 -12.61 4.29 -22.83
N GLN A 210 -12.73 5.59 -23.00
CA GLN A 210 -11.88 6.52 -22.27
C GLN A 210 -12.45 6.80 -20.88
N GLY A 211 -11.61 6.75 -19.85
CA GLY A 211 -12.05 7.07 -18.51
C GLY A 211 -11.05 7.82 -17.67
N PHE A 212 -11.55 8.48 -16.62
CA PHE A 212 -10.87 9.32 -15.60
C PHE A 212 -11.04 10.78 -16.00
N GLY A 213 -11.70 11.54 -15.13
CA GLY A 213 -11.90 12.97 -15.34
C GLY A 213 -12.87 13.38 -16.44
N ILE A 214 -13.71 12.47 -16.91
CA ILE A 214 -14.72 12.81 -17.92
C ILE A 214 -16.03 13.17 -17.22
N SER A 215 -16.33 14.46 -17.24
CA SER A 215 -17.48 14.99 -16.49
C SER A 215 -18.33 15.93 -17.32
N SER A 216 -18.10 16.05 -18.63
CA SER A 216 -18.82 17.01 -19.46
C SER A 216 -19.09 16.38 -20.81
N PRO A 217 -20.20 16.77 -21.44
CA PRO A 217 -20.55 16.27 -22.78
C PRO A 217 -19.45 16.54 -23.80
N GLU A 218 -18.82 17.70 -23.72
CA GLU A 218 -17.73 18.07 -24.62
C GLU A 218 -16.61 17.03 -24.59
N GLN A 219 -16.32 16.50 -23.41
CA GLN A 219 -15.24 15.51 -23.32
C GLN A 219 -15.64 14.18 -23.92
N VAL A 220 -16.92 13.82 -23.78
CA VAL A 220 -17.43 12.60 -24.39
C VAL A 220 -17.36 12.69 -25.90
N SER A 221 -17.82 13.82 -26.44
CA SER A 221 -17.78 14.02 -27.89
C SER A 221 -16.33 13.96 -28.40
N ALA A 222 -15.42 14.60 -27.67
CA ALA A 222 -14.01 14.60 -28.03
C ALA A 222 -13.41 13.19 -28.03
N ALA A 223 -13.81 12.36 -27.06
CA ALA A 223 -13.36 10.98 -27.01
C ALA A 223 -13.77 10.20 -28.27
N VAL A 224 -15.03 10.33 -28.65
CA VAL A 224 -15.54 9.59 -29.79
C VAL A 224 -14.96 10.14 -31.09
N ARG A 225 -14.79 11.45 -31.17
CA ARG A 225 -14.21 12.07 -32.37
C ARG A 225 -12.76 11.65 -32.57
N ALA A 226 -12.06 11.38 -31.47
CA ALA A 226 -10.68 10.91 -31.55
C ALA A 226 -10.60 9.44 -31.92
N GLY A 227 -11.75 8.76 -31.96
CA GLY A 227 -11.81 7.38 -32.41
C GLY A 227 -12.06 6.36 -31.31
N ALA A 228 -12.27 6.82 -30.09
CA ALA A 228 -12.64 5.90 -29.02
C ALA A 228 -14.06 5.40 -29.22
N ALA A 229 -14.35 4.20 -28.74
CA ALA A 229 -15.68 3.63 -28.85
C ALA A 229 -16.66 4.26 -27.87
N GLY A 230 -16.14 5.02 -26.90
CA GLY A 230 -17.00 5.65 -25.93
C GLY A 230 -16.27 6.18 -24.73
N ALA A 231 -17.01 6.51 -23.69
CA ALA A 231 -16.41 7.14 -22.51
C ALA A 231 -17.10 6.74 -21.23
N ILE A 232 -16.33 6.75 -20.15
CA ILE A 232 -16.83 6.41 -18.83
C ILE A 232 -16.77 7.64 -17.91
N SER A 233 -17.82 7.83 -17.12
CA SER A 233 -17.90 8.93 -16.17
C SER A 233 -18.34 8.39 -14.82
N GLY A 234 -17.55 8.63 -13.77
CA GLY A 234 -17.88 8.14 -12.44
C GLY A 234 -18.12 9.26 -11.45
N SER A 235 -17.08 10.00 -11.12
CA SER A 235 -17.17 11.05 -10.09
C SER A 235 -18.25 12.09 -10.36
N ALA A 236 -18.44 12.47 -11.62
CA ALA A 236 -19.49 13.43 -11.98
C ALA A 236 -20.87 12.92 -11.60
N ILE A 237 -21.06 11.62 -11.78
CA ILE A 237 -22.32 10.97 -11.48
C ILE A 237 -22.49 10.90 -9.98
N VAL A 238 -21.43 10.45 -9.31
CA VAL A 238 -21.47 10.26 -7.86
C VAL A 238 -21.66 11.59 -7.12
N LYS A 239 -21.14 12.67 -7.67
CA LYS A 239 -21.31 13.98 -7.06
C LYS A 239 -22.79 14.38 -7.01
N ILE A 240 -23.55 13.96 -8.01
CA ILE A 240 -24.97 14.28 -8.06
C ILE A 240 -25.71 13.51 -6.96
N ILE A 241 -25.28 12.27 -6.72
CA ILE A 241 -25.80 11.50 -5.59
C ILE A 241 -25.47 12.18 -4.26
N GLU A 242 -24.20 12.53 -4.08
CA GLU A 242 -23.72 13.13 -2.83
C GLU A 242 -24.44 14.44 -2.51
N LYS A 243 -24.70 15.22 -3.55
CA LYS A 243 -25.32 16.54 -3.42
C LYS A 243 -26.79 16.46 -3.00
N ASN A 244 -27.44 15.37 -3.39
CA ASN A 244 -28.89 15.25 -3.22
C ASN A 244 -29.33 14.15 -2.26
N LEU A 245 -28.51 13.84 -1.26
CA LEU A 245 -28.82 12.76 -0.33
C LEU A 245 -30.16 12.95 0.39
N ALA A 246 -30.51 14.20 0.70
CA ALA A 246 -31.76 14.49 1.40
C ALA A 246 -32.93 14.69 0.44
N SER A 247 -32.65 14.64 -0.86
CA SER A 247 -33.69 14.87 -1.87
C SER A 247 -33.65 13.80 -2.97
N PRO A 248 -34.13 12.60 -2.66
CA PRO A 248 -34.04 11.41 -3.53
C PRO A 248 -34.65 11.60 -4.91
N LYS A 249 -35.77 12.30 -5.01
CA LYS A 249 -36.41 12.52 -6.30
C LYS A 249 -35.65 13.56 -7.13
N GLN A 250 -35.16 14.61 -6.48
CA GLN A 250 -34.35 15.59 -7.17
C GLN A 250 -33.05 14.94 -7.66
N MET A 251 -32.55 13.98 -6.87
CA MET A 251 -31.36 13.23 -7.24
C MET A 251 -31.54 12.53 -8.57
N LEU A 252 -32.65 11.80 -8.70
CA LEU A 252 -32.91 11.02 -9.91
C LEU A 252 -33.15 11.93 -11.11
N ALA A 253 -33.80 13.07 -10.89
CA ALA A 253 -34.04 14.01 -11.98
C ALA A 253 -32.73 14.60 -12.51
N GLU A 254 -31.83 14.94 -11.59
CA GLU A 254 -30.56 15.51 -12.01
C GLU A 254 -29.65 14.45 -12.64
N LEU A 255 -29.72 13.23 -12.13
CA LEU A 255 -29.04 12.10 -12.75
C LEU A 255 -29.53 11.91 -14.17
N ARG A 256 -30.84 11.96 -14.37
CA ARG A 256 -31.43 11.73 -15.68
C ARG A 256 -30.99 12.80 -16.68
N SER A 257 -31.04 14.07 -16.27
CA SER A 257 -30.61 15.16 -17.15
C SER A 257 -29.16 15.01 -17.57
N PHE A 258 -28.29 14.72 -16.60
CA PHE A 258 -26.87 14.60 -16.86
C PHE A 258 -26.56 13.43 -17.78
N VAL A 259 -27.12 12.26 -17.49
CA VAL A 259 -26.84 11.07 -18.29
C VAL A 259 -27.36 11.24 -19.71
N SER A 260 -28.53 11.85 -19.85
CA SER A 260 -29.11 12.11 -21.17
C SER A 260 -28.22 13.04 -21.98
N ALA A 261 -27.67 14.07 -21.35
CA ALA A 261 -26.80 15.02 -22.03
C ALA A 261 -25.49 14.36 -22.42
N MET A 262 -24.93 13.54 -21.53
CA MET A 262 -23.69 12.82 -21.84
C MET A 262 -23.88 11.82 -22.96
N LYS A 263 -25.04 11.18 -23.00
CA LYS A 263 -25.31 10.19 -24.04
C LYS A 263 -25.47 10.88 -25.38
N ALA A 264 -26.15 12.03 -25.37
CA ALA A 264 -26.34 12.83 -26.59
C ALA A 264 -24.98 13.17 -27.21
N ALA A 265 -24.01 13.46 -26.36
CA ALA A 265 -22.67 13.84 -26.81
C ALA A 265 -21.92 12.67 -27.48
N SER A 266 -22.33 11.45 -27.15
CA SER A 266 -21.69 10.25 -27.70
C SER A 266 -22.09 10.01 -29.16
N ARG A 267 -23.04 10.81 -29.65
CA ARG A 267 -23.54 10.63 -31.00
C ARG A 267 -22.78 11.52 -31.99
N ALA A 268 -21.91 12.37 -31.45
CA ALA A 268 -21.13 13.33 -32.25
C ALA A 268 -20.19 12.62 -33.21
N THR B 2 7.95 -7.87 -16.76
CA THR B 2 9.36 -8.22 -16.87
C THR B 2 10.20 -7.36 -15.92
N THR B 3 11.00 -8.02 -15.09
CA THR B 3 11.88 -7.33 -14.14
C THR B 3 13.29 -7.89 -14.19
N LEU B 4 14.23 -7.12 -13.66
CA LEU B 4 15.62 -7.57 -13.56
C LEU B 4 15.84 -8.50 -12.37
N LEU B 5 15.07 -8.27 -11.30
CA LEU B 5 15.18 -9.00 -10.03
C LEU B 5 13.87 -9.72 -9.73
N ASN B 6 13.92 -10.77 -8.92
CA ASN B 6 12.72 -11.49 -8.54
C ASN B 6 11.83 -10.67 -7.63
N PRO B 7 10.57 -10.43 -8.04
CA PRO B 7 9.64 -9.63 -7.22
C PRO B 7 9.02 -10.43 -6.07
N TYR B 8 9.25 -11.75 -6.05
CA TYR B 8 8.63 -12.61 -5.06
C TYR B 8 9.61 -13.26 -4.09
N PHE B 9 9.10 -13.53 -2.89
CA PHE B 9 9.76 -14.33 -1.87
C PHE B 9 8.81 -15.50 -1.65
N GLY B 10 9.06 -16.60 -2.34
CA GLY B 10 8.07 -17.67 -2.38
C GLY B 10 6.78 -17.13 -2.98
N GLU B 11 5.66 -17.32 -2.28
CA GLU B 11 4.35 -16.87 -2.73
C GLU B 11 4.12 -15.37 -2.55
N PHE B 12 4.98 -14.75 -1.74
CA PHE B 12 4.72 -13.41 -1.25
C PHE B 12 5.47 -12.31 -2.01
N GLY B 13 4.81 -11.17 -2.18
CA GLY B 13 5.46 -10.02 -2.78
C GLY B 13 4.72 -9.55 -4.02
N GLY B 14 5.46 -9.32 -5.10
CA GLY B 14 4.85 -8.93 -6.36
C GLY B 14 4.72 -7.44 -6.54
N MET B 15 3.97 -7.07 -7.59
CA MET B 15 3.77 -5.65 -7.92
C MET B 15 2.31 -5.36 -8.22
N TYR B 16 1.50 -5.34 -7.17
CA TYR B 16 0.05 -5.20 -7.30
C TYR B 16 -0.35 -3.73 -7.21
N VAL B 17 0.05 -2.99 -8.24
CA VAL B 17 -0.30 -1.58 -8.33
C VAL B 17 -1.06 -1.30 -9.62
N PRO B 18 -1.80 -0.18 -9.65
CA PRO B 18 -2.41 0.22 -10.92
C PRO B 18 -1.38 0.27 -12.04
N GLN B 19 -1.81 -0.10 -13.24
CA GLN B 19 -0.94 -0.20 -14.40
C GLN B 19 -0.10 1.07 -14.64
N ILE B 20 -0.69 2.22 -14.34
CA ILE B 20 -0.06 3.52 -14.54
C ILE B 20 1.30 3.61 -13.83
N LEU B 21 1.46 2.89 -12.73
CA LEU B 21 2.67 2.99 -11.91
C LEU B 21 3.76 1.98 -12.25
N MET B 22 3.48 1.04 -13.15
CA MET B 22 4.51 0.03 -13.45
C MET B 22 5.79 0.63 -14.04
N PRO B 23 5.69 1.60 -14.97
CA PRO B 23 6.97 2.14 -15.47
C PRO B 23 7.82 2.80 -14.38
N ALA B 24 7.20 3.47 -13.42
CA ALA B 24 7.94 4.05 -12.30
C ALA B 24 8.66 2.99 -11.47
N LEU B 25 8.00 1.86 -11.24
CA LEU B 25 8.60 0.79 -10.48
C LEU B 25 9.76 0.14 -11.24
N ASN B 26 9.57 -0.06 -12.55
CA ASN B 26 10.64 -0.61 -13.37
C ASN B 26 11.83 0.35 -13.43
N GLN B 27 11.55 1.65 -13.55
CA GLN B 27 12.61 2.66 -13.56
C GLN B 27 13.41 2.65 -12.28
N LEU B 28 12.71 2.54 -11.16
CA LEU B 28 13.35 2.48 -9.85
C LEU B 28 14.23 1.24 -9.72
N GLU B 29 13.73 0.10 -10.20
CA GLU B 29 14.49 -1.14 -10.15
C GLU B 29 15.77 -1.01 -10.94
N GLU B 30 15.67 -0.48 -12.17
CA GLU B 30 16.83 -0.35 -13.03
CA GLU B 30 16.84 -0.36 -13.03
C GLU B 30 17.87 0.59 -12.42
N ALA B 31 17.38 1.67 -11.82
CA ALA B 31 18.27 2.64 -11.20
C ALA B 31 18.99 2.02 -9.99
N PHE B 32 18.26 1.22 -9.21
CA PHE B 32 18.86 0.53 -8.07
C PHE B 32 19.93 -0.45 -8.51
N VAL B 33 19.61 -1.26 -9.52
CA VAL B 33 20.56 -2.26 -10.00
C VAL B 33 21.83 -1.56 -10.52
N SER B 34 21.64 -0.47 -11.26
CA SER B 34 22.75 0.34 -11.74
C SER B 34 23.58 0.92 -10.58
N ALA B 35 22.90 1.50 -9.60
CA ALA B 35 23.59 2.10 -8.46
C ALA B 35 24.36 1.09 -7.62
N GLN B 36 23.85 -0.13 -7.50
CA GLN B 36 24.49 -1.14 -6.68
C GLN B 36 25.82 -1.60 -7.27
N LYS B 37 26.01 -1.38 -8.56
CA LYS B 37 27.28 -1.74 -9.20
C LYS B 37 28.11 -0.50 -9.51
N ASP B 38 27.69 0.66 -9.01
CA ASP B 38 28.35 1.94 -9.28
C ASP B 38 29.24 2.35 -8.10
N PRO B 39 30.56 2.27 -8.26
CA PRO B 39 31.47 2.61 -7.16
C PRO B 39 31.32 4.05 -6.66
N GLU B 40 30.94 4.97 -7.55
CA GLU B 40 30.78 6.36 -7.12
C GLU B 40 29.54 6.51 -6.24
N PHE B 41 28.45 5.84 -6.61
CA PHE B 41 27.24 5.83 -5.79
C PHE B 41 27.51 5.23 -4.42
N GLN B 42 28.16 4.07 -4.39
CA GLN B 42 28.46 3.41 -3.14
C GLN B 42 29.34 4.27 -2.24
N ALA B 43 30.28 5.00 -2.83
CA ALA B 43 31.16 5.87 -2.04
C ALA B 43 30.39 7.05 -1.46
N GLN B 44 29.47 7.62 -2.23
CA GLN B 44 28.67 8.73 -1.76
CA GLN B 44 28.63 8.72 -1.78
C GLN B 44 27.74 8.29 -0.62
N PHE B 45 27.11 7.13 -0.79
CA PHE B 45 26.23 6.55 0.22
C PHE B 45 27.02 6.28 1.51
N ALA B 46 28.17 5.63 1.38
CA ALA B 46 29.04 5.35 2.52
C ALA B 46 29.47 6.62 3.25
N ASP B 47 29.79 7.67 2.50
CA ASP B 47 30.25 8.90 3.12
C ASP B 47 29.13 9.55 3.94
N LEU B 48 27.92 9.56 3.40
CA LEU B 48 26.78 10.11 4.14
C LEU B 48 26.53 9.27 5.38
N LEU B 49 26.59 7.95 5.24
CA LEU B 49 26.31 7.11 6.39
C LEU B 49 27.31 7.36 7.51
N LYS B 50 28.59 7.48 7.15
CA LYS B 50 29.64 7.68 8.15
C LYS B 50 29.68 9.09 8.72
N ASN B 51 29.78 10.08 7.83
CA ASN B 51 30.12 11.42 8.26
C ASN B 51 28.92 12.30 8.54
N TYR B 52 27.76 11.90 8.05
CA TYR B 52 26.54 12.65 8.29
C TYR B 52 25.61 11.94 9.28
N ALA B 53 25.43 10.63 9.11
CA ALA B 53 24.47 9.90 9.97
C ALA B 53 25.14 9.33 11.21
N GLY B 54 26.45 9.11 11.16
CA GLY B 54 27.19 8.64 12.33
C GLY B 54 27.42 7.14 12.45
N ARG B 55 27.41 6.42 11.35
CA ARG B 55 27.73 4.99 11.37
C ARG B 55 29.24 4.76 11.46
N PRO B 56 29.66 3.62 12.03
CA PRO B 56 28.84 2.55 12.61
C PRO B 56 28.24 2.92 13.96
N THR B 57 27.07 2.35 14.26
CA THR B 57 26.45 2.58 15.54
C THR B 57 27.00 1.60 16.57
N ALA B 58 26.99 2.00 17.83
CA ALA B 58 27.50 1.17 18.91
C ALA B 58 26.72 -0.13 19.10
N LEU B 59 27.42 -1.12 19.66
CA LEU B 59 26.79 -2.35 20.14
C LEU B 59 27.05 -2.36 21.64
N THR B 60 25.99 -2.18 22.41
CA THR B 60 26.08 -1.97 23.86
C THR B 60 25.76 -3.22 24.64
N LYS B 61 26.66 -3.64 25.52
CA LYS B 61 26.35 -4.77 26.40
C LYS B 61 25.55 -4.28 27.61
N CYS B 62 24.41 -4.91 27.87
N CYS B 62 24.41 -4.91 27.87
CA CYS B 62 23.63 -4.58 29.06
CA CYS B 62 23.63 -4.58 29.06
C CYS B 62 24.38 -5.01 30.31
C CYS B 62 24.38 -5.01 30.31
N GLN B 63 24.43 -4.12 31.30
CA GLN B 63 25.23 -4.35 32.50
C GLN B 63 24.39 -4.86 33.66
N ASN B 64 23.09 -4.55 33.60
CA ASN B 64 22.24 -4.67 34.77
C ASN B 64 21.00 -5.51 34.55
N ILE B 65 20.41 -5.46 33.36
CA ILE B 65 19.09 -6.05 33.23
C ILE B 65 19.14 -7.57 33.07
N THR B 66 20.34 -8.13 32.90
CA THR B 66 20.49 -9.58 32.79
C THR B 66 21.09 -10.17 34.06
N ALA B 67 21.25 -9.34 35.10
CA ALA B 67 21.82 -9.82 36.37
C ALA B 67 21.11 -11.05 36.92
N GLY B 68 21.90 -12.04 37.31
CA GLY B 68 21.36 -13.22 37.97
C GLY B 68 20.88 -14.29 37.01
N THR B 69 21.04 -14.05 35.70
CA THR B 69 20.67 -15.02 34.67
C THR B 69 21.86 -15.45 33.84
N ARG B 70 21.64 -16.42 32.95
CA ARG B 70 22.70 -16.84 32.04
C ARG B 70 22.53 -16.23 30.63
N THR B 71 21.75 -15.16 30.55
CA THR B 71 21.59 -14.42 29.30
C THR B 71 22.63 -13.30 29.22
N THR B 72 23.33 -13.22 28.08
CA THR B 72 24.15 -12.05 27.74
C THR B 72 23.39 -11.27 26.67
N LEU B 73 23.11 -9.99 26.91
CA LEU B 73 22.30 -9.19 26.00
C LEU B 73 23.06 -7.97 25.49
N TYR B 74 23.11 -7.84 24.15
CA TYR B 74 23.65 -6.65 23.50
C TYR B 74 22.53 -5.90 22.81
N LEU B 75 22.66 -4.58 22.78
CA LEU B 75 21.74 -3.72 22.03
C LEU B 75 22.45 -3.08 20.87
N LYS B 76 21.92 -3.28 19.67
CA LYS B 76 22.44 -2.57 18.50
C LYS B 76 21.82 -1.19 18.46
N ARG B 77 22.66 -0.16 18.53
CA ARG B 77 22.20 1.19 18.90
C ARG B 77 21.81 2.05 17.70
N GLU B 78 20.78 1.63 16.98
CA GLU B 78 20.28 2.47 15.90
C GLU B 78 19.63 3.74 16.44
N ASP B 79 19.34 3.77 17.74
CA ASP B 79 18.84 4.98 18.41
C ASP B 79 19.85 6.13 18.38
N LEU B 80 21.12 5.81 18.10
CA LEU B 80 22.16 6.82 18.07
C LEU B 80 22.37 7.40 16.66
N LEU B 81 21.68 6.84 15.67
CA LEU B 81 21.78 7.36 14.31
C LEU B 81 21.19 8.76 14.23
N HIS B 82 21.74 9.60 13.36
CA HIS B 82 21.16 10.92 13.15
C HIS B 82 19.68 10.79 12.76
N GLY B 83 18.83 11.58 13.41
CA GLY B 83 17.40 11.44 13.24
C GLY B 83 16.76 10.66 14.38
N GLY B 84 17.48 9.69 14.94
CA GLY B 84 17.00 8.97 16.11
C GLY B 84 16.45 7.59 15.84
N ALA B 85 16.62 7.08 14.62
CA ALA B 85 16.17 5.74 14.28
C ALA B 85 16.85 5.20 13.04
N HIS B 86 16.73 3.90 12.84
CA HIS B 86 17.32 3.19 11.69
C HIS B 86 16.81 3.73 10.35
N LYS B 87 15.65 4.37 10.36
CA LYS B 87 15.00 4.84 9.14
C LYS B 87 15.94 5.69 8.30
N THR B 88 16.86 6.37 8.95
CA THR B 88 17.76 7.28 8.26
C THR B 88 18.69 6.57 7.26
N ASN B 89 19.06 5.32 7.55
CA ASN B 89 19.96 4.59 6.66
C ASN B 89 19.46 4.52 5.22
N GLN B 90 18.27 3.98 5.06
CA GLN B 90 17.80 3.69 3.71
C GLN B 90 17.22 4.92 3.03
N VAL B 91 16.80 5.92 3.81
CA VAL B 91 16.37 7.19 3.22
C VAL B 91 17.53 7.89 2.52
N LEU B 92 18.72 7.81 3.10
CA LEU B 92 19.87 8.43 2.43
C LEU B 92 20.12 7.75 1.09
N GLY B 93 20.00 6.42 1.05
CA GLY B 93 20.15 5.67 -0.17
C GLY B 93 19.07 5.97 -1.19
N GLN B 94 17.81 5.99 -0.78
CA GLN B 94 16.72 6.26 -1.72
C GLN B 94 16.75 7.70 -2.22
N ALA B 95 17.19 8.64 -1.37
CA ALA B 95 17.29 10.03 -1.80
C ALA B 95 18.33 10.14 -2.89
N LEU B 96 19.44 9.40 -2.76
CA LEU B 96 20.47 9.39 -3.79
C LEU B 96 19.91 8.76 -5.07
N LEU B 97 19.06 7.75 -4.93
CA LEU B 97 18.41 7.14 -6.10
C LEU B 97 17.47 8.12 -6.77
N ALA B 98 16.73 8.89 -5.98
CA ALA B 98 15.84 9.91 -6.51
C ALA B 98 16.59 10.89 -7.39
N LYS B 99 17.73 11.36 -6.87
CA LYS B 99 18.54 12.33 -7.61
C LYS B 99 19.07 11.68 -8.89
N ARG B 100 19.47 10.42 -8.79
CA ARG B 100 19.99 9.65 -9.92
C ARG B 100 18.96 9.53 -11.05
N MET B 101 17.68 9.52 -10.68
CA MET B 101 16.59 9.38 -11.65
C MET B 101 16.08 10.74 -12.11
N GLY B 102 16.70 11.81 -11.62
CA GLY B 102 16.30 13.15 -12.02
C GLY B 102 15.03 13.66 -11.37
N LYS B 103 14.69 13.15 -10.19
CA LYS B 103 13.53 13.63 -9.45
CA LYS B 103 13.53 13.63 -9.45
C LYS B 103 13.94 14.74 -8.48
N SER B 104 13.05 15.69 -8.24
CA SER B 104 13.35 16.81 -7.35
C SER B 104 12.35 16.90 -6.20
N GLU B 105 11.42 15.96 -6.18
CA GLU B 105 10.38 15.94 -5.14
CA GLU B 105 10.38 15.93 -5.15
C GLU B 105 10.31 14.56 -4.48
N ILE B 106 9.97 14.56 -3.20
CA ILE B 106 9.83 13.35 -2.41
C ILE B 106 8.44 13.25 -1.81
N ILE B 107 7.82 12.07 -1.92
CA ILE B 107 6.61 11.76 -1.17
C ILE B 107 6.98 10.70 -0.16
N ALA B 108 6.56 10.87 1.09
CA ALA B 108 6.75 9.83 2.10
C ALA B 108 5.51 9.68 2.96
N GLU B 109 5.37 8.50 3.56
CA GLU B 109 4.37 8.24 4.59
C GLU B 109 5.09 8.07 5.91
N THR B 110 4.45 8.35 7.03
CA THR B 110 5.08 8.07 8.31
C THR B 110 4.03 7.81 9.40
N GLY B 111 4.42 7.01 10.38
CA GLY B 111 3.55 6.69 11.50
C GLY B 111 4.17 7.15 12.79
N ALA B 112 5.34 6.62 13.13
CA ALA B 112 6.06 7.10 14.30
C ALA B 112 6.69 8.47 14.05
N GLY B 113 6.78 8.88 12.78
CA GLY B 113 7.38 10.16 12.44
C GLY B 113 8.88 10.09 12.25
N GLN B 114 9.45 8.91 12.44
CA GLN B 114 10.89 8.76 12.26
C GLN B 114 11.27 8.64 10.79
N HIS B 115 10.46 7.94 10.01
CA HIS B 115 10.69 7.93 8.57
C HIS B 115 10.41 9.31 8.01
N GLY B 116 9.41 9.99 8.56
CA GLY B 116 9.13 11.36 8.16
C GLY B 116 10.29 12.29 8.43
N VAL B 117 10.85 12.20 9.63
CA VAL B 117 12.01 13.01 9.98
C VAL B 117 13.20 12.68 9.10
N ALA B 118 13.46 11.40 8.86
CA ALA B 118 14.53 10.97 7.96
C ALA B 118 14.35 11.53 6.55
N SER B 119 13.14 11.44 6.04
CA SER B 119 12.85 11.93 4.70
C SER B 119 13.08 13.43 4.63
N ALA B 120 12.63 14.14 5.66
CA ALA B 120 12.77 15.58 5.74
C ALA B 120 14.25 15.99 5.83
N LEU B 121 15.01 15.34 6.69
CA LEU B 121 16.42 15.72 6.84
C LEU B 121 17.21 15.41 5.56
N ALA B 122 16.95 14.28 4.91
CA ALA B 122 17.66 13.93 3.67
C ALA B 122 17.31 14.89 2.55
N SER B 123 16.04 15.30 2.52
CA SER B 123 15.59 16.25 1.51
C SER B 123 16.23 17.62 1.72
N ALA B 124 16.39 18.03 2.97
CA ALA B 124 17.02 19.30 3.29
C ALA B 124 18.48 19.25 2.85
N LEU B 125 19.15 18.16 3.17
CA LEU B 125 20.57 17.98 2.84
C LEU B 125 20.79 17.93 1.32
N LEU B 126 19.96 17.18 0.62
CA LEU B 126 20.24 16.85 -0.77
C LEU B 126 19.43 17.67 -1.77
N GLY B 127 18.63 18.62 -1.27
CA GLY B 127 17.97 19.58 -2.14
C GLY B 127 16.72 19.06 -2.84
N LEU B 128 15.86 18.39 -2.09
CA LEU B 128 14.61 17.86 -2.59
C LEU B 128 13.44 18.50 -1.86
N LYS B 129 12.29 18.59 -2.53
CA LYS B 129 11.07 19.12 -1.94
C LYS B 129 10.23 17.98 -1.38
N CYS B 130 10.03 17.97 -0.06
CA CYS B 130 9.48 16.82 0.63
C CYS B 130 8.07 17.05 1.18
N ARG B 131 7.13 16.16 0.83
CA ARG B 131 5.81 16.17 1.47
C ARG B 131 5.55 14.83 2.13
N ILE B 132 4.99 14.88 3.34
CA ILE B 132 4.86 13.72 4.19
C ILE B 132 3.42 13.55 4.65
N TYR B 133 2.84 12.39 4.37
CA TYR B 133 1.51 12.04 4.87
C TYR B 133 1.63 11.37 6.22
N MET B 134 0.78 11.76 7.16
CA MET B 134 0.81 11.19 8.51
C MET B 134 -0.62 11.12 9.06
N GLY B 135 -1.00 9.96 9.58
CA GLY B 135 -2.33 9.82 10.16
C GLY B 135 -2.57 10.82 11.28
N ALA B 136 -3.77 11.39 11.33
CA ALA B 136 -4.07 12.41 12.33
C ALA B 136 -3.92 11.92 13.78
N LYS B 137 -4.16 10.63 14.02
CA LYS B 137 -3.95 10.08 15.35
C LYS B 137 -2.46 10.11 15.69
N ASP B 138 -1.64 9.81 14.70
CA ASP B 138 -0.19 9.78 14.89
C ASP B 138 0.40 11.18 15.01
N VAL B 139 -0.18 12.13 14.29
CA VAL B 139 0.20 13.54 14.43
C VAL B 139 0.09 13.94 15.91
N GLU B 140 -0.90 13.39 16.61
CA GLU B 140 -1.08 13.70 18.02
C GLU B 140 -0.13 12.92 18.92
N ARG B 141 -0.06 11.60 18.76
CA ARG B 141 0.71 10.80 19.73
C ARG B 141 2.21 10.76 19.44
N GLN B 142 2.62 11.26 18.28
CA GLN B 142 4.05 11.37 17.98
C GLN B 142 4.41 12.82 17.62
N SER B 143 3.76 13.76 18.30
CA SER B 143 3.89 15.18 17.96
C SER B 143 5.32 15.76 17.88
N PRO B 144 6.26 15.34 18.76
CA PRO B 144 7.59 15.92 18.63
C PRO B 144 8.17 15.77 17.22
N ASN B 145 7.84 14.68 16.54
CA ASN B 145 8.38 14.48 15.20
C ASN B 145 7.70 15.35 14.14
N VAL B 146 6.45 15.74 14.38
CA VAL B 146 5.77 16.68 13.49
C VAL B 146 6.50 18.02 13.50
N PHE B 147 6.83 18.47 14.71
CA PHE B 147 7.57 19.71 14.88
C PHE B 147 8.93 19.63 14.18
N ARG B 148 9.63 18.51 14.33
CA ARG B 148 10.94 18.34 13.70
C ARG B 148 10.86 18.36 12.17
N MET B 149 9.93 17.60 11.60
CA MET B 149 9.73 17.62 10.14
C MET B 149 9.47 19.02 9.59
N ARG B 150 8.59 19.75 10.24
CA ARG B 150 8.21 21.06 9.75
C ARG B 150 9.35 22.08 9.88
N LEU B 151 10.12 21.99 10.97
CA LEU B 151 11.27 22.88 11.14
C LEU B 151 12.30 22.66 10.03
N MET B 152 12.34 21.45 9.50
CA MET B 152 13.28 21.14 8.43
C MET B 152 12.69 21.43 7.04
N GLY B 153 11.50 22.02 7.02
CA GLY B 153 10.92 22.52 5.79
C GLY B 153 10.05 21.54 5.02
N ALA B 154 9.75 20.40 5.61
CA ALA B 154 8.87 19.43 4.96
C ALA B 154 7.42 19.85 5.11
N GLU B 155 6.60 19.51 4.13
CA GLU B 155 5.17 19.69 4.27
C GLU B 155 4.59 18.45 4.93
N VAL B 156 3.88 18.62 6.03
CA VAL B 156 3.27 17.48 6.73
C VAL B 156 1.77 17.55 6.60
N ILE B 157 1.20 16.51 5.99
CA ILE B 157 -0.22 16.47 5.64
C ILE B 157 -0.96 15.44 6.50
N PRO B 158 -1.78 15.90 7.46
CA PRO B 158 -2.55 14.97 8.28
C PRO B 158 -3.59 14.22 7.47
N VAL B 159 -3.76 12.94 7.78
CA VAL B 159 -4.71 12.10 7.10
C VAL B 159 -5.77 11.66 8.12
N HIS B 160 -7.02 12.05 7.85
CA HIS B 160 -8.11 11.80 8.79
C HIS B 160 -8.96 10.59 8.43
N SER B 161 -8.76 10.04 7.23
CA SER B 161 -9.58 8.92 6.77
C SER B 161 -9.19 7.61 7.45
N GLY B 162 -10.12 6.66 7.45
CA GLY B 162 -9.87 5.33 8.01
C GLY B 162 -9.54 5.38 9.48
N SER B 163 -8.48 4.69 9.86
CA SER B 163 -8.03 4.67 11.24
C SER B 163 -7.17 5.87 11.61
N ALA B 164 -6.87 6.73 10.63
CA ALA B 164 -6.02 7.91 10.81
C ALA B 164 -4.66 7.54 11.38
N THR B 165 -4.13 6.41 10.90
CA THR B 165 -2.81 5.94 11.30
C THR B 165 -2.01 5.55 10.06
N LEU B 166 -1.01 4.69 10.23
CA LEU B 166 -0.03 4.46 9.18
C LEU B 166 -0.64 3.95 7.87
N LYS B 167 -1.56 2.99 7.92
CA LYS B 167 -2.07 2.43 6.67
C LYS B 167 -2.77 3.54 5.88
N ASP B 168 -3.36 4.50 6.58
CA ASP B 168 -4.11 5.55 5.90
C ASP B 168 -3.18 6.58 5.27
N ALA B 169 -2.06 6.84 5.95
CA ALA B 169 -1.01 7.66 5.38
C ALA B 169 -0.39 6.98 4.15
N CYS B 170 -0.17 5.66 4.24
CA CYS B 170 0.31 4.88 3.09
C CYS B 170 -0.60 5.02 1.88
N ASN B 171 -1.91 4.87 2.11
CA ASN B 171 -2.88 4.96 1.02
C ASN B 171 -2.77 6.30 0.32
N GLU B 172 -2.66 7.36 1.11
CA GLU B 172 -2.65 8.69 0.51
C GLU B 172 -1.36 8.95 -0.24
N ALA B 173 -0.25 8.49 0.30
CA ALA B 173 1.03 8.63 -0.37
C ALA B 173 1.00 7.96 -1.74
N LEU B 174 0.42 6.77 -1.81
CA LEU B 174 0.37 6.00 -3.04
C LEU B 174 -0.57 6.67 -4.03
N ARG B 175 -1.70 7.16 -3.54
CA ARG B 175 -2.63 7.89 -4.40
C ARG B 175 -1.94 9.10 -5.02
N ASP B 176 -1.21 9.85 -4.20
CA ASP B 176 -0.44 11.01 -4.66
C ASP B 176 0.55 10.61 -5.76
N TRP B 177 1.37 9.60 -5.47
CA TRP B 177 2.39 9.13 -6.42
C TRP B 177 1.82 8.73 -7.77
N SER B 178 0.64 8.12 -7.76
CA SER B 178 0.04 7.67 -9.01
C SER B 178 -0.24 8.83 -9.95
N GLY B 179 -0.29 10.05 -9.41
CA GLY B 179 -0.44 11.23 -10.25
C GLY B 179 0.80 12.12 -10.38
N SER B 180 1.80 11.91 -9.53
CA SER B 180 2.95 12.80 -9.51
C SER B 180 4.29 12.11 -9.79
N TYR B 181 4.26 10.84 -10.17
CA TYR B 181 5.48 10.07 -10.33
C TYR B 181 6.47 10.63 -11.37
N GLU B 182 6.00 11.48 -12.29
CA GLU B 182 6.93 12.00 -13.27
C GLU B 182 7.98 12.89 -12.63
N THR B 183 7.60 13.56 -11.55
CA THR B 183 8.53 14.45 -10.87
C THR B 183 8.83 14.04 -9.42
N ALA B 184 8.04 13.15 -8.85
CA ALA B 184 8.21 12.79 -7.45
C ALA B 184 8.67 11.34 -7.29
N HIS B 185 9.60 11.13 -6.37
CA HIS B 185 9.94 9.79 -5.95
C HIS B 185 9.17 9.46 -4.67
N TYR B 186 8.53 8.28 -4.65
CA TYR B 186 7.86 7.80 -3.44
C TYR B 186 8.90 7.08 -2.58
N MET B 187 9.26 7.71 -1.48
CA MET B 187 10.24 7.13 -0.57
C MET B 187 9.53 6.32 0.50
N LEU B 188 9.22 5.08 0.13
CA LEU B 188 8.56 4.15 1.01
C LEU B 188 9.51 3.82 2.17
N GLY B 189 8.96 3.78 3.38
CA GLY B 189 9.78 3.72 4.57
C GLY B 189 9.96 2.38 5.25
N THR B 190 9.48 1.32 4.63
CA THR B 190 9.57 0.01 5.24
C THR B 190 9.77 -1.07 4.16
N ALA B 191 10.09 -2.29 4.58
CA ALA B 191 10.39 -3.37 3.64
C ALA B 191 9.11 -4.02 3.15
N ALA B 192 8.20 -3.21 2.63
CA ALA B 192 6.91 -3.69 2.19
C ALA B 192 6.52 -2.94 0.95
N GLY B 193 5.30 -3.16 0.47
CA GLY B 193 4.89 -2.49 -0.75
C GLY B 193 5.30 -3.29 -1.96
N PRO B 194 5.10 -2.71 -3.15
CA PRO B 194 5.42 -3.42 -4.38
C PRO B 194 6.91 -3.53 -4.65
N HIS B 195 7.33 -4.59 -5.32
CA HIS B 195 8.71 -4.68 -5.83
C HIS B 195 8.97 -3.42 -6.63
N PRO B 196 10.17 -2.82 -6.49
CA PRO B 196 11.36 -3.35 -5.82
C PRO B 196 11.59 -2.88 -4.38
N TYR B 197 10.60 -2.24 -3.75
CA TYR B 197 10.86 -1.66 -2.45
C TYR B 197 11.31 -2.66 -1.35
N PRO B 198 10.66 -3.86 -1.20
CA PRO B 198 11.18 -4.74 -0.15
C PRO B 198 12.65 -5.11 -0.32
N THR B 199 13.10 -5.21 -1.58
CA THR B 199 14.48 -5.53 -1.87
C THR B 199 15.41 -4.33 -1.64
N ILE B 200 15.02 -3.16 -2.14
CA ILE B 200 15.84 -1.96 -1.94
C ILE B 200 16.00 -1.62 -0.47
N VAL B 201 14.89 -1.67 0.28
CA VAL B 201 14.93 -1.32 1.70
C VAL B 201 15.83 -2.30 2.46
N ARG B 202 15.75 -3.59 2.14
CA ARG B 202 16.66 -4.57 2.78
C ARG B 202 18.11 -4.25 2.47
N GLU B 203 18.40 -3.96 1.20
CA GLU B 203 19.79 -3.77 0.81
C GLU B 203 20.35 -2.47 1.38
N PHE B 204 19.48 -1.49 1.61
CA PHE B 204 19.94 -0.22 2.18
C PHE B 204 19.85 -0.20 3.71
N GLN B 205 19.40 -1.31 4.32
CA GLN B 205 19.41 -1.45 5.78
C GLN B 205 20.35 -2.55 6.27
N ARG B 206 20.94 -3.32 5.36
CA ARG B 206 21.63 -4.54 5.77
C ARG B 206 22.94 -4.25 6.51
N MET B 207 23.39 -2.99 6.51
CA MET B 207 24.56 -2.65 7.32
C MET B 207 24.31 -2.87 8.81
N ILE B 208 23.04 -2.84 9.24
CA ILE B 208 22.74 -3.10 10.65
C ILE B 208 23.27 -4.48 11.06
N GLY B 209 22.86 -5.53 10.33
CA GLY B 209 23.30 -6.88 10.65
C GLY B 209 24.77 -7.10 10.36
N GLU B 210 25.27 -6.47 9.30
CA GLU B 210 26.69 -6.61 8.95
C GLU B 210 27.57 -6.10 10.08
N GLU B 211 27.25 -4.90 10.56
CA GLU B 211 28.01 -4.30 11.66
C GLU B 211 27.87 -5.17 12.91
N THR B 212 26.64 -5.57 13.22
CA THR B 212 26.36 -6.40 14.39
C THR B 212 27.23 -7.65 14.39
N LYS B 213 27.28 -8.33 13.24
CA LYS B 213 28.09 -9.54 13.14
C LYS B 213 29.56 -9.24 13.43
N ALA B 214 30.10 -8.18 12.85
CA ALA B 214 31.51 -7.84 13.09
C ALA B 214 31.75 -7.48 14.55
N GLN B 215 30.82 -6.75 15.13
CA GLN B 215 30.96 -6.29 16.50
C GLN B 215 30.85 -7.43 17.50
N ILE B 216 29.94 -8.36 17.26
CA ILE B 216 29.75 -9.46 18.21
C ILE B 216 30.94 -10.43 18.07
N LEU B 217 31.46 -10.61 16.85
CA LEU B 217 32.64 -11.46 16.69
C LEU B 217 33.84 -10.86 17.44
N ASP B 218 33.99 -9.55 17.36
CA ASP B 218 35.06 -8.85 18.09
C ASP B 218 34.94 -9.00 19.62
N LYS B 219 33.72 -8.90 20.14
CA LYS B 219 33.51 -8.87 21.59
C LYS B 219 33.30 -10.25 22.23
N GLU B 220 32.77 -11.20 21.47
CA GLU B 220 32.42 -12.50 22.01
C GLU B 220 33.09 -13.66 21.28
N GLY B 221 33.68 -13.40 20.11
CA GLY B 221 34.38 -14.42 19.36
C GLY B 221 33.47 -15.46 18.76
N ARG B 222 32.21 -15.15 18.71
CA ARG B 222 31.22 -16.06 18.06
CA ARG B 222 31.21 -16.06 18.09
C ARG B 222 29.94 -15.26 17.65
N LEU B 223 29.10 -15.97 16.93
CA LEU B 223 27.85 -15.40 16.46
C LEU B 223 26.81 -15.44 17.58
N PRO B 224 25.79 -14.58 17.50
CA PRO B 224 24.72 -14.62 18.51
C PRO B 224 23.92 -15.90 18.44
N ASP B 225 23.33 -16.31 19.57
CA ASP B 225 22.34 -17.38 19.54
C ASP B 225 21.04 -16.93 18.83
N ALA B 226 20.72 -15.64 18.95
CA ALA B 226 19.56 -15.09 18.27
C ALA B 226 19.65 -13.59 18.19
N VAL B 227 19.08 -13.05 17.11
CA VAL B 227 18.89 -11.61 16.97
C VAL B 227 17.40 -11.35 16.94
N ILE B 228 17.01 -10.27 17.61
CA ILE B 228 15.61 -10.01 17.90
C ILE B 228 15.25 -8.58 17.49
N ALA B 229 14.19 -8.43 16.72
CA ALA B 229 13.80 -7.09 16.22
C ALA B 229 12.28 -6.96 16.14
N CYS B 230 11.77 -5.76 16.37
CA CYS B 230 10.35 -5.55 16.19
C CYS B 230 10.02 -5.48 14.67
N VAL B 231 8.77 -5.77 14.34
CA VAL B 231 8.32 -5.83 12.95
C VAL B 231 7.06 -5.02 12.76
N GLY B 232 7.19 -3.90 12.05
CA GLY B 232 6.04 -3.15 11.56
C GLY B 232 5.88 -3.61 10.12
N GLY B 233 6.41 -2.83 9.19
CA GLY B 233 6.46 -3.31 7.83
C GLY B 233 7.64 -4.24 7.62
N GLY B 234 8.69 -4.09 8.42
CA GLY B 234 9.79 -5.05 8.41
C GLY B 234 11.19 -4.56 8.11
N SER B 235 11.41 -3.25 8.04
CA SER B 235 12.74 -2.79 7.61
C SER B 235 13.84 -2.96 8.64
N ASN B 236 13.64 -2.60 9.92
CA ASN B 236 14.75 -2.75 10.88
C ASN B 236 15.03 -4.22 11.11
N ALA B 237 13.98 -5.06 11.09
CA ALA B 237 14.21 -6.48 11.28
C ALA B 237 14.92 -7.12 10.09
N ILE B 238 14.52 -6.82 8.86
CA ILE B 238 15.22 -7.46 7.74
C ILE B 238 16.63 -6.87 7.64
N GLY B 239 16.81 -5.63 8.08
CA GLY B 239 18.15 -5.04 8.12
C GLY B 239 19.09 -5.75 9.06
N MET B 240 18.57 -6.15 10.21
CA MET B 240 19.34 -6.94 11.16
C MET B 240 19.51 -8.38 10.70
N PHE B 241 18.45 -8.95 10.14
CA PHE B 241 18.44 -10.38 9.77
C PHE B 241 19.34 -10.71 8.58
N ALA B 242 19.38 -9.82 7.59
CA ALA B 242 19.86 -10.20 6.26
C ALA B 242 21.21 -10.89 6.27
N ASP B 243 22.18 -10.29 6.97
CA ASP B 243 23.53 -10.86 6.95
C ASP B 243 23.65 -12.16 7.75
N PHE B 244 22.62 -12.50 8.52
CA PHE B 244 22.64 -13.74 9.30
C PHE B 244 21.81 -14.85 8.65
N ILE B 245 21.10 -14.57 7.56
CA ILE B 245 20.18 -15.56 7.00
C ILE B 245 20.92 -16.86 6.65
N ASN B 246 22.13 -16.76 6.12
CA ASN B 246 22.88 -17.96 5.79
C ASN B 246 23.71 -18.55 6.95
N ASP B 247 23.68 -17.90 8.12
CA ASP B 247 24.26 -18.46 9.34
C ASP B 247 23.19 -19.23 10.09
N THR B 248 23.06 -20.50 9.75
CA THR B 248 21.90 -21.30 10.12
C THR B 248 21.73 -21.48 11.62
N SER B 249 22.81 -21.34 12.40
CA SER B 249 22.74 -21.49 13.85
CA SER B 249 22.70 -21.50 13.84
C SER B 249 22.18 -20.25 14.54
N VAL B 250 22.08 -19.15 13.81
CA VAL B 250 21.62 -17.90 14.42
C VAL B 250 20.11 -17.78 14.30
N GLY B 251 19.43 -17.75 15.44
CA GLY B 251 18.00 -17.54 15.44
C GLY B 251 17.64 -16.14 14.99
N LEU B 252 16.57 -16.06 14.20
CA LEU B 252 16.00 -14.79 13.77
C LEU B 252 14.63 -14.68 14.39
N ILE B 253 14.44 -13.71 15.28
CA ILE B 253 13.17 -13.56 15.94
C ILE B 253 12.57 -12.18 15.68
N GLY B 254 11.38 -12.16 15.09
CA GLY B 254 10.67 -10.92 14.82
C GLY B 254 9.48 -10.77 15.73
N VAL B 255 9.23 -9.54 16.19
CA VAL B 255 8.24 -9.30 17.23
C VAL B 255 7.17 -8.35 16.71
N GLU B 256 5.97 -8.89 16.50
CA GLU B 256 4.81 -8.11 16.07
C GLU B 256 4.11 -7.51 17.28
N PRO B 257 3.41 -6.38 17.08
CA PRO B 257 2.66 -5.79 18.20
C PRO B 257 1.39 -6.56 18.54
N GLY B 258 1.25 -6.94 19.81
CA GLY B 258 0.08 -7.64 20.28
C GLY B 258 -1.00 -6.68 20.75
N GLY B 259 -0.70 -5.38 20.80
CA GLY B 259 -1.70 -4.39 21.17
C GLY B 259 -2.33 -4.66 22.53
N HIS B 260 -3.66 -4.72 22.58
CA HIS B 260 -4.35 -5.01 23.85
C HIS B 260 -4.42 -6.50 24.13
N GLY B 261 -3.85 -7.30 23.24
CA GLY B 261 -3.92 -8.76 23.35
C GLY B 261 -4.50 -9.32 22.06
N ILE B 262 -3.87 -10.37 21.54
CA ILE B 262 -4.32 -10.96 20.28
C ILE B 262 -5.80 -11.33 20.33
N GLU B 263 -6.23 -11.87 21.47
CA GLU B 263 -7.62 -12.28 21.64
C GLU B 263 -8.64 -11.13 21.51
N THR B 264 -8.21 -9.88 21.72
CA THR B 264 -9.09 -8.73 21.56
C THR B 264 -9.29 -8.31 20.12
N GLY B 265 -8.45 -8.81 19.21
CA GLY B 265 -8.48 -8.36 17.83
C GLY B 265 -7.87 -6.98 17.62
N GLU B 266 -7.42 -6.36 18.72
CA GLU B 266 -6.80 -5.04 18.66
C GLU B 266 -5.29 -5.20 18.74
N HIS B 267 -4.68 -5.45 17.60
CA HIS B 267 -3.25 -5.74 17.50
C HIS B 267 -2.76 -5.39 16.10
N GLY B 268 -1.48 -5.66 15.85
CA GLY B 268 -0.91 -5.47 14.52
C GLY B 268 -0.06 -6.67 14.16
N ALA B 269 -0.61 -7.87 14.30
CA ALA B 269 0.19 -9.07 14.14
C ALA B 269 -0.34 -9.99 13.03
N PRO B 270 -0.34 -9.50 11.77
CA PRO B 270 -0.88 -10.28 10.66
C PRO B 270 -0.05 -11.50 10.27
N LEU B 271 1.26 -11.45 10.49
CA LEU B 271 2.07 -12.58 10.06
C LEU B 271 1.61 -13.87 10.77
N LYS B 272 1.34 -13.79 12.06
CA LYS B 272 0.92 -14.98 12.78
C LYS B 272 -0.59 -15.06 12.99
N HIS B 273 -1.33 -13.97 12.77
CA HIS B 273 -2.77 -14.00 13.09
C HIS B 273 -3.66 -13.46 12.00
N GLY B 274 -3.08 -13.13 10.86
CA GLY B 274 -3.85 -12.69 9.71
C GLY B 274 -3.90 -13.81 8.68
N ARG B 275 -4.15 -13.43 7.43
CA ARG B 275 -4.09 -14.40 6.34
C ARG B 275 -3.75 -13.68 5.04
N VAL B 276 -3.23 -14.44 4.09
CA VAL B 276 -2.67 -13.82 2.88
C VAL B 276 -3.74 -13.03 2.13
N GLY B 277 -3.35 -11.84 1.67
CA GLY B 277 -4.21 -11.01 0.85
C GLY B 277 -3.39 -10.15 -0.06
N ILE B 278 -4.06 -9.28 -0.82
CA ILE B 278 -3.39 -8.38 -1.73
C ILE B 278 -3.79 -6.94 -1.38
N TYR B 279 -2.80 -6.14 -1.01
CA TYR B 279 -3.03 -4.75 -0.62
C TYR B 279 -1.69 -4.04 -0.52
N PHE B 280 -1.71 -2.71 -0.70
CA PHE B 280 -0.49 -1.89 -0.66
C PHE B 280 0.57 -2.43 -1.62
N GLY B 281 0.12 -2.90 -2.78
CA GLY B 281 1.03 -3.31 -3.84
C GLY B 281 1.66 -4.68 -3.68
N MET B 282 1.22 -5.45 -2.69
CA MET B 282 1.90 -6.72 -2.42
C MET B 282 0.93 -7.82 -2.03
N LYS B 283 1.35 -9.04 -2.26
CA LYS B 283 0.66 -10.20 -1.71
C LYS B 283 1.38 -10.59 -0.42
N ALA B 284 0.67 -10.49 0.70
CA ALA B 284 1.28 -10.64 2.02
C ALA B 284 0.23 -10.96 3.05
N PRO B 285 0.64 -11.48 4.22
CA PRO B 285 -0.33 -11.64 5.30
C PRO B 285 -0.93 -10.29 5.70
N MET B 286 -2.23 -10.29 5.91
CA MET B 286 -2.90 -9.13 6.45
C MET B 286 -4.05 -9.43 7.34
N MET B 287 -4.37 -8.41 8.14
CA MET B 287 -5.55 -8.41 8.98
C MET B 287 -6.70 -8.04 8.08
N GLN B 288 -7.65 -8.96 7.92
CA GLN B 288 -8.78 -8.69 7.04
C GLN B 288 -10.04 -9.35 7.58
N THR B 289 -11.18 -8.81 7.18
CA THR B 289 -12.45 -9.39 7.58
C THR B 289 -12.72 -10.67 6.80
N ALA B 290 -13.77 -11.40 7.20
CA ALA B 290 -14.17 -12.59 6.45
C ALA B 290 -14.36 -12.33 4.96
N ASP B 291 -14.90 -11.16 4.62
CA ASP B 291 -15.19 -10.79 3.24
C ASP B 291 -13.99 -10.26 2.48
N GLY B 292 -12.89 -9.99 3.19
CA GLY B 292 -11.70 -9.49 2.52
C GLY B 292 -11.52 -7.97 2.59
N GLN B 293 -12.27 -7.32 3.46
CA GLN B 293 -11.99 -5.91 3.74
C GLN B 293 -10.75 -5.84 4.62
N ILE B 294 -9.92 -4.83 4.44
CA ILE B 294 -8.72 -4.69 5.25
C ILE B 294 -9.12 -4.17 6.61
N GLU B 295 -8.66 -4.85 7.66
CA GLU B 295 -8.97 -4.46 9.02
C GLU B 295 -8.05 -3.36 9.49
N GLU B 296 -8.54 -2.55 10.41
CA GLU B 296 -7.68 -1.59 11.08
C GLU B 296 -6.87 -2.32 12.13
N SER B 297 -5.58 -2.01 12.18
CA SER B 297 -4.70 -2.52 13.22
C SER B 297 -4.76 -1.65 14.45
N TYR B 298 -4.09 -2.09 15.51
CA TYR B 298 -3.86 -1.26 16.67
C TYR B 298 -2.53 -1.61 17.35
N SER B 299 -1.79 -0.60 17.78
CA SER B 299 -0.68 -0.75 18.72
C SER B 299 -0.49 0.54 19.49
N ILE B 300 -0.01 0.44 20.73
CA ILE B 300 0.39 1.64 21.45
C ILE B 300 1.49 2.37 20.67
N SER B 301 2.29 1.62 19.90
CA SER B 301 3.37 2.20 19.12
C SER B 301 2.95 2.47 17.66
N ALA B 302 2.98 3.74 17.28
CA ALA B 302 2.56 4.13 15.94
C ALA B 302 3.34 3.45 14.83
N GLY B 303 4.63 3.19 15.07
CA GLY B 303 5.46 2.61 14.05
C GLY B 303 5.15 1.15 13.75
N LEU B 304 4.48 0.48 14.68
CA LEU B 304 4.07 -0.91 14.47
C LEU B 304 2.60 -1.06 14.10
N ASP B 305 1.87 0.05 14.09
CA ASP B 305 0.43 0.04 13.92
C ASP B 305 0.05 -0.07 12.45
N PHE B 306 0.15 -1.28 11.91
CA PHE B 306 0.01 -1.50 10.47
C PHE B 306 -0.54 -2.91 10.26
N PRO B 307 -1.56 -3.08 9.40
CA PRO B 307 -2.24 -4.38 9.32
C PRO B 307 -1.61 -5.38 8.36
N SER B 308 -0.40 -5.12 7.86
CA SER B 308 0.29 -6.10 7.04
C SER B 308 1.75 -6.18 7.42
N VAL B 309 2.54 -6.80 6.57
CA VAL B 309 3.95 -7.06 6.88
C VAL B 309 4.70 -7.32 5.58
N GLY B 310 5.99 -7.01 5.55
CA GLY B 310 6.77 -7.18 4.33
C GLY B 310 6.85 -8.64 3.89
N PRO B 311 6.91 -8.86 2.58
CA PRO B 311 6.80 -10.23 2.08
C PRO B 311 8.00 -11.13 2.40
N GLN B 312 9.17 -10.55 2.61
CA GLN B 312 10.31 -11.41 2.90
C GLN B 312 10.14 -12.02 4.29
N HIS B 313 9.53 -11.28 5.22
CA HIS B 313 9.25 -11.86 6.54
C HIS B 313 8.21 -12.97 6.45
N ALA B 314 7.19 -12.79 5.63
CA ALA B 314 6.21 -13.87 5.45
C ALA B 314 6.88 -15.13 4.89
N TYR B 315 7.83 -14.93 3.97
CA TYR B 315 8.58 -16.04 3.39
C TYR B 315 9.50 -16.70 4.44
N LEU B 316 10.29 -15.91 5.14
CA LEU B 316 11.19 -16.49 6.15
C LEU B 316 10.42 -17.28 7.20
N ASN B 317 9.27 -16.78 7.59
CA ASN B 317 8.38 -17.53 8.46
C ASN B 317 7.94 -18.86 7.85
N SER B 318 7.50 -18.82 6.60
CA SER B 318 6.87 -20.01 6.00
C SER B 318 7.84 -21.18 5.93
N ILE B 319 9.12 -20.89 5.71
CA ILE B 319 10.12 -21.95 5.59
C ILE B 319 10.79 -22.25 6.95
N GLY B 320 10.41 -21.51 7.98
CA GLY B 320 10.90 -21.76 9.32
C GLY B 320 12.25 -21.16 9.63
N ARG B 321 12.77 -20.32 8.73
CA ARG B 321 14.08 -19.71 8.98
C ARG B 321 14.01 -18.64 10.05
N ALA B 322 12.88 -17.93 10.13
CA ALA B 322 12.67 -16.97 11.20
C ALA B 322 11.40 -17.31 11.97
N ASP B 323 11.41 -17.03 13.26
CA ASP B 323 10.26 -17.21 14.11
C ASP B 323 9.67 -15.87 14.47
N TYR B 324 8.34 -15.78 14.54
CA TYR B 324 7.70 -14.52 14.89
C TYR B 324 6.77 -14.70 16.08
N VAL B 325 6.81 -13.70 16.94
CA VAL B 325 6.09 -13.69 18.20
C VAL B 325 5.39 -12.35 18.34
N SER B 326 4.62 -12.18 19.40
CA SER B 326 4.00 -10.90 19.68
C SER B 326 4.21 -10.49 21.14
N ILE B 327 4.14 -9.17 21.34
CA ILE B 327 4.33 -8.52 22.63
C ILE B 327 3.23 -7.48 22.80
N THR B 328 2.55 -7.48 23.93
CA THR B 328 1.44 -6.56 24.12
C THR B 328 1.91 -5.16 24.50
N ASP B 329 0.99 -4.20 24.46
CA ASP B 329 1.26 -2.83 24.94
C ASP B 329 1.90 -2.84 26.33
N ASP B 330 1.32 -3.59 27.27
CA ASP B 330 1.79 -3.52 28.64
C ASP B 330 3.18 -4.13 28.78
N GLU B 331 3.46 -5.18 28.01
CA GLU B 331 4.78 -5.78 28.03
C GLU B 331 5.82 -4.81 27.45
N ALA B 332 5.46 -4.12 26.37
CA ALA B 332 6.36 -3.13 25.80
C ALA B 332 6.62 -1.98 26.79
N LEU B 333 5.57 -1.50 27.46
CA LEU B 333 5.73 -0.42 28.43
C LEU B 333 6.66 -0.82 29.57
N GLU B 334 6.57 -2.06 30.06
CA GLU B 334 7.47 -2.54 31.13
C GLU B 334 8.92 -2.57 30.67
N ALA B 335 9.14 -3.02 29.44
CA ALA B 335 10.49 -3.03 28.88
C ALA B 335 11.05 -1.61 28.73
N PHE B 336 10.20 -0.67 28.27
CA PHE B 336 10.57 0.74 28.16
C PHE B 336 11.06 1.26 29.49
N LYS B 337 10.26 1.03 30.53
CA LYS B 337 10.62 1.51 31.85
C LYS B 337 11.90 0.86 32.38
N THR B 338 12.05 -0.43 32.13
CA THR B 338 13.19 -1.19 32.61
C THR B 338 14.48 -0.67 31.98
N LEU B 339 14.44 -0.39 30.68
CA LEU B 339 15.67 0.09 30.02
C LEU B 339 16.03 1.49 30.51
N CYS B 340 15.01 2.36 30.65
CA CYS B 340 15.24 3.70 31.16
C CYS B 340 15.96 3.67 32.50
N ARG B 341 15.41 2.87 33.41
CA ARG B 341 15.84 2.90 34.81
C ARG B 341 17.09 2.11 35.11
N HIS B 342 17.39 1.09 34.31
CA HIS B 342 18.52 0.23 34.60
C HIS B 342 19.66 0.26 33.60
N GLU B 343 19.44 0.86 32.44
CA GLU B 343 20.57 1.04 31.51
C GLU B 343 20.74 2.49 31.09
N GLY B 344 19.80 3.36 31.48
CA GLY B 344 19.91 4.77 31.10
C GLY B 344 19.74 5.01 29.62
N ILE B 345 18.93 4.19 28.96
CA ILE B 345 18.62 4.37 27.53
C ILE B 345 17.12 4.45 27.41
N ILE B 346 16.62 5.49 26.73
CA ILE B 346 15.18 5.63 26.53
C ILE B 346 14.88 5.12 25.12
N PRO B 347 14.23 3.95 25.02
CA PRO B 347 14.00 3.32 23.72
C PRO B 347 12.70 3.78 23.10
N ALA B 348 12.61 3.72 21.78
CA ALA B 348 11.33 3.89 21.12
C ALA B 348 10.37 2.82 21.60
N LEU B 349 9.07 3.12 21.65
CA LEU B 349 8.10 2.10 22.01
C LEU B 349 8.06 0.94 21.02
N GLU B 350 8.39 1.21 19.76
CA GLU B 350 8.53 0.13 18.78
C GLU B 350 9.59 -0.85 19.25
N SER B 351 10.80 -0.32 19.48
CA SER B 351 11.96 -1.08 19.90
C SER B 351 11.72 -1.80 21.22
N SER B 352 10.92 -1.18 22.08
CA SER B 352 10.57 -1.79 23.37
C SER B 352 9.85 -3.11 23.20
N HIS B 353 9.17 -3.33 22.08
CA HIS B 353 8.56 -4.65 21.83
C HIS B 353 9.64 -5.72 21.68
N ALA B 354 10.71 -5.41 20.97
CA ALA B 354 11.80 -6.37 20.79
C ALA B 354 12.49 -6.64 22.13
N LEU B 355 12.81 -5.57 22.86
CA LEU B 355 13.42 -5.72 24.17
C LEU B 355 12.54 -6.54 25.09
N ALA B 356 11.24 -6.30 25.08
CA ALA B 356 10.32 -7.07 25.95
C ALA B 356 10.40 -8.56 25.66
N HIS B 357 10.50 -8.93 24.39
CA HIS B 357 10.56 -10.35 24.11
C HIS B 357 11.89 -10.93 24.58
N ALA B 358 13.00 -10.21 24.41
CA ALA B 358 14.29 -10.67 24.92
C ALA B 358 14.22 -10.87 26.44
N LEU B 359 13.63 -9.92 27.13
CA LEU B 359 13.53 -10.03 28.60
C LEU B 359 12.71 -11.26 28.97
N LYS B 360 11.69 -11.57 28.17
CA LYS B 360 10.88 -12.77 28.38
C LYS B 360 11.71 -14.04 28.17
N MET B 361 12.52 -14.09 27.11
CA MET B 361 13.39 -15.23 26.86
C MET B 361 14.31 -15.50 28.03
N MET B 362 14.79 -14.42 28.64
CA MET B 362 15.67 -14.51 29.80
C MET B 362 14.91 -14.96 31.04
N ARG B 363 13.80 -14.26 31.33
CA ARG B 363 13.08 -14.51 32.57
C ARG B 363 12.41 -15.88 32.60
N GLU B 364 11.94 -16.34 31.45
CA GLU B 364 11.28 -17.64 31.40
C GLU B 364 12.25 -18.80 31.63
N GLN B 365 13.50 -18.64 31.23
CA GLN B 365 14.50 -19.69 31.33
C GLN B 365 15.82 -19.08 31.78
N PRO B 366 15.89 -18.71 33.06
CA PRO B 366 17.01 -17.87 33.51
C PRO B 366 18.32 -18.61 33.65
N GLU B 367 18.30 -19.93 33.56
CA GLU B 367 19.55 -20.67 33.58
C GLU B 367 19.92 -21.19 32.20
N LYS B 368 19.21 -20.73 31.17
CA LYS B 368 19.56 -21.04 29.80
C LYS B 368 20.68 -20.12 29.35
N GLU B 369 21.80 -20.71 28.92
CA GLU B 369 22.90 -19.94 28.38
C GLU B 369 22.54 -19.42 26.99
N GLN B 370 22.46 -18.09 26.84
CA GLN B 370 22.14 -17.57 25.51
C GLN B 370 22.73 -16.18 25.31
N LEU B 371 23.27 -15.98 24.11
CA LEU B 371 23.84 -14.70 23.69
C LEU B 371 22.86 -14.05 22.71
N LEU B 372 22.26 -12.95 23.14
CA LEU B 372 21.19 -12.31 22.38
C LEU B 372 21.56 -10.91 21.95
N VAL B 373 21.12 -10.53 20.75
CA VAL B 373 21.18 -9.13 20.33
C VAL B 373 19.78 -8.59 20.03
N VAL B 374 19.44 -7.45 20.63
CA VAL B 374 18.20 -6.77 20.30
C VAL B 374 18.52 -5.58 19.42
N ASN B 375 17.78 -5.42 18.33
CA ASN B 375 17.94 -4.23 17.51
C ASN B 375 17.19 -3.08 18.18
N LEU B 376 17.92 -2.14 18.75
CA LEU B 376 17.30 -0.98 19.37
C LEU B 376 17.08 0.04 18.26
N SER B 377 15.93 -0.09 17.59
CA SER B 377 15.74 0.59 16.32
C SER B 377 15.61 2.10 16.43
N GLY B 378 15.20 2.62 17.59
CA GLY B 378 15.08 4.05 17.74
C GLY B 378 15.10 4.51 19.18
N ARG B 379 15.27 5.80 19.32
CA ARG B 379 15.19 6.43 20.68
CA ARG B 379 15.19 6.43 20.68
C ARG B 379 13.69 6.86 20.98
N GLY B 380 13.42 7.00 22.27
CA GLY B 380 12.05 7.23 22.68
C GLY B 380 11.60 8.65 22.95
N ASP B 381 12.40 9.63 22.56
CA ASP B 381 12.01 11.03 22.75
C ASP B 381 10.60 11.34 22.22
N LYS B 382 10.25 10.75 21.08
CA LYS B 382 8.93 10.96 20.47
C LYS B 382 7.79 10.40 21.33
N ASP B 383 8.13 9.49 22.24
CA ASP B 383 7.16 8.71 23.02
C ASP B 383 7.01 9.18 24.46
N ILE B 384 7.84 10.11 24.91
CA ILE B 384 7.91 10.33 26.35
C ILE B 384 6.64 10.98 26.90
N PHE B 385 5.94 11.76 26.07
CA PHE B 385 4.71 12.39 26.53
C PHE B 385 3.56 11.37 26.56
N THR B 386 3.53 10.47 25.59
CA THR B 386 2.57 9.37 25.60
C THR B 386 2.74 8.45 26.81
N VAL B 387 3.99 8.06 27.07
CA VAL B 387 4.27 7.14 28.16
C VAL B 387 3.98 7.80 29.50
N HIS B 388 4.36 9.07 29.63
CA HIS B 388 4.08 9.80 30.86
C HIS B 388 2.59 9.83 31.18
N ASP B 389 1.78 10.20 30.18
CA ASP B 389 0.33 10.26 30.36
C ASP B 389 -0.25 8.92 30.81
N ILE B 390 0.29 7.82 30.29
CA ILE B 390 -0.18 6.49 30.64
C ILE B 390 0.16 6.15 32.08
N LEU B 391 1.44 6.32 32.42
CA LEU B 391 1.89 6.02 33.77
C LEU B 391 1.12 6.83 34.81
N LYS B 392 0.93 8.12 34.54
CA LYS B 392 0.17 8.98 35.44
C LYS B 392 -1.25 8.46 35.63
N ALA B 393 -1.86 8.02 34.53
CA ALA B 393 -3.18 7.42 34.57
C ALA B 393 -3.13 5.96 35.03
N ARG B 394 -2.21 5.68 35.95
CA ARG B 394 -2.00 4.34 36.48
C ARG B 394 -1.24 4.44 37.80
N GLY B 395 -1.33 5.61 38.43
CA GLY B 395 -0.60 5.86 39.66
C GLY B 395 0.85 6.26 39.37
N GLU B 396 1.75 5.31 39.55
CA GLU B 396 3.16 5.48 39.19
C GLU B 396 3.82 6.64 39.93
C1 F9F C . -9.64 2.38 -12.11
C2 F9F C . -10.49 2.95 -11.18
C3 F9F C . -11.81 3.16 -11.51
C4 F9F C . -12.27 2.81 -12.77
C5 F9F C . -11.41 2.25 -13.70
C6 F9F C . -10.09 2.03 -13.37
O7 F9F C . -8.31 2.19 -11.70
C8 F9F C . -7.36 1.68 -12.58
F9F F9F C . -7.25 2.45 -13.67
F10 F9F C . -7.66 0.42 -12.93
F11 F9F C . -6.20 1.68 -11.92
S12 F9F C . -13.96 3.11 -13.19
N13 F9F C . -14.33 4.63 -12.70
C14 F9F C . -13.52 5.68 -13.24
C15 F9F C . -14.26 6.99 -13.22
O16 F9F C . -13.33 8.05 -13.26
P17 F9F C . -13.88 9.46 -12.78
O18 F9F C . -14.50 9.25 -11.41
O19 F9F C . -12.72 10.42 -12.76
O20 F9F C . -14.95 9.84 -13.78
O21 F9F C . -14.83 2.11 -12.65
O22 F9F C . -14.11 3.04 -14.60
O 0JO D . 8.54 6.34 11.48
C 0JO D . 7.69 5.71 10.77
OXT 0JO D . 7.10 6.24 9.80
CA 0JO D . 7.44 4.28 11.13
CB 0JO D . 6.47 3.54 10.54
N 0JO D . 8.34 3.77 12.07
C4A 0JO D . 8.51 2.49 12.25
C4 0JO D . 9.54 2.07 13.26
C3 0JO D . 10.29 2.98 13.99
O3 0JO D . 10.16 4.37 13.87
C2 0JO D . 11.22 2.52 14.91
C2A 0JO D . 12.05 3.51 15.73
N1 0JO D . 11.40 1.20 15.07
C6 0JO D . 10.69 0.30 14.34
C5 0JO D . 9.74 0.73 13.44
C5A 0JO D . 8.95 -0.33 12.66
OP4 0JO D . 9.11 -0.21 11.24
P 0JO D . 10.00 -1.34 10.51
OP3 0JO D . 9.93 -0.98 9.05
OP1 0JO D . 11.41 -1.28 11.07
OP2 0JO D . 9.33 -2.66 10.75
CS CS E . 2.62 -4.88 11.66
CS CS F . 3.59 -6.70 11.33
CS CS G . 24.22 -12.18 32.80
#